data_1YW0
#
_entry.id   1YW0
#
_cell.length_a   89.701
_cell.length_b   110.223
_cell.length_c   149.398
_cell.angle_alpha   90.00
_cell.angle_beta   90.00
_cell.angle_gamma   90.00
#
_symmetry.space_group_name_H-M   'P 21 21 21'
#
loop_
_entity.id
_entity.type
_entity.pdbx_description
1 polymer 'tryptophan 2,3-dioxygenase'
2 non-polymer 'MAGNESIUM ION'
3 water water
#
_entity_poly.entity_id   1
_entity_poly.type   'polypeptide(L)'
_entity_poly.pdbx_seq_one_letter_code
;TYGGYLRLDQLLSAQQPLSEPAHHDE(MSE)LFIIQHQTSELWLKLLAHELRAAIVHLQRDEVWQCRKVLARSKQVLRQL
TEQWSVLETLTPSEY(MSE)GFRDVLGPSSGFQSLQYRYIEFLLGNKNPQ(MSE)LQVFAYDPAGQARLREVLEAPSLYE
EFLRYLARFGHAIPQQYQARDWTAAHVADDTLRPVFERIYENTDRYWREYSLCEDLVDVETQFQLWRFRH(MSE)RTV
(MSE)RVIGFKRGTGGSSGVGFLQQALALTFFPELFDVRTSVGVDNRPPQGSADAGKR
;
_entity_poly.pdbx_strand_id   A,B,C,D
#
loop_
_chem_comp.id
_chem_comp.type
_chem_comp.name
_chem_comp.formula
MG non-polymer 'MAGNESIUM ION' 'Mg 2'
#
# COMPACT_ATOMS: atom_id res chain seq x y z
N THR A 1 -22.50 20.93 13.08
CA THR A 1 -21.90 21.25 11.74
C THR A 1 -20.56 20.54 11.50
N TYR A 2 -20.44 19.89 10.33
CA TYR A 2 -19.23 19.14 9.97
C TYR A 2 -17.98 20.02 10.06
N GLY A 3 -18.07 21.23 9.52
CA GLY A 3 -16.95 22.14 9.58
C GLY A 3 -16.63 22.65 10.98
N GLY A 4 -17.66 22.82 11.81
CA GLY A 4 -17.45 23.30 13.16
C GLY A 4 -16.97 22.25 14.15
N TYR A 5 -17.42 21.01 14.00
CA TYR A 5 -17.01 19.93 14.89
C TYR A 5 -15.52 19.64 14.74
N LEU A 6 -15.06 19.64 13.49
CA LEU A 6 -13.66 19.39 13.18
C LEU A 6 -12.82 20.67 13.27
N ARG A 7 -13.49 21.81 13.49
CA ARG A 7 -12.79 23.08 13.55
C ARG A 7 -11.97 23.28 12.28
N LEU A 8 -12.59 23.07 11.12
CA LEU A 8 -11.90 23.21 9.85
C LEU A 8 -11.41 24.62 9.47
N ASP A 9 -12.08 25.67 9.96
CA ASP A 9 -11.64 27.04 9.64
C ASP A 9 -10.24 27.27 10.23
N GLN A 10 -10.06 26.79 11.46
CA GLN A 10 -8.80 26.90 12.16
C GLN A 10 -7.78 26.03 11.42
N LEU A 11 -8.19 24.80 11.12
CA LEU A 11 -7.32 23.82 10.45
C LEU A 11 -6.83 24.21 9.06
N LEU A 12 -7.73 24.66 8.20
CA LEU A 12 -7.34 25.03 6.84
C LEU A 12 -6.88 26.47 6.75
N SER A 13 -6.46 27.01 7.89
CA SER A 13 -5.99 28.39 8.00
C SER A 13 -4.58 28.42 8.58
N ALA A 14 -4.03 27.24 8.81
CA ALA A 14 -2.71 27.10 9.40
C ALA A 14 -1.59 26.92 8.38
N GLN A 15 -1.90 27.04 7.10
CA GLN A 15 -0.90 26.88 6.05
C GLN A 15 -0.48 28.25 5.53
N GLN A 16 0.70 28.70 5.96
CA GLN A 16 1.22 30.01 5.59
C GLN A 16 2.58 29.93 4.90
N PRO A 17 2.60 29.59 3.60
CA PRO A 17 3.88 29.51 2.91
C PRO A 17 4.56 30.87 2.92
N LEU A 18 5.85 30.93 3.21
CA LEU A 18 6.51 32.23 3.25
C LEU A 18 7.45 32.52 2.09
N SER A 19 7.29 31.76 1.00
CA SER A 19 8.11 31.94 -0.19
C SER A 19 7.72 33.27 -0.83
N GLU A 20 8.74 34.06 -1.16
CA GLU A 20 8.59 35.39 -1.76
C GLU A 20 7.43 35.53 -2.75
N PRO A 21 7.50 34.83 -3.90
CA PRO A 21 6.39 34.98 -4.83
C PRO A 21 5.47 33.77 -4.79
N ALA A 22 5.29 33.17 -3.61
CA ALA A 22 4.45 32.00 -3.44
C ALA A 22 4.81 30.90 -4.43
N HIS A 23 5.78 30.07 -4.06
CA HIS A 23 6.22 28.98 -4.93
C HIS A 23 5.19 27.84 -4.87
N HIS A 24 4.79 27.36 -6.03
CA HIS A 24 3.80 26.30 -6.14
C HIS A 24 4.03 25.03 -5.33
N ASP A 25 5.28 24.62 -5.18
CA ASP A 25 5.55 23.39 -4.46
C ASP A 25 5.71 23.51 -2.96
N GLU A 26 5.63 24.71 -2.41
CA GLU A 26 5.77 24.83 -0.96
C GLU A 26 4.59 24.14 -0.24
N MSE A 27 3.37 24.30 -0.76
CA MSE A 27 2.17 23.72 -0.14
C MSE A 27 2.31 22.24 0.24
O MSE A 27 2.03 21.86 1.38
CB MSE A 27 0.96 23.92 -1.06
CG MSE A 27 -0.38 23.66 -0.40
SE MSE A 27 -0.79 24.88 1.07
CE MSE A 27 -1.96 23.74 2.09
N LEU A 28 2.71 21.41 -0.73
CA LEU A 28 2.92 19.98 -0.48
C LEU A 28 3.84 19.86 0.72
N PHE A 29 4.94 20.58 0.67
CA PHE A 29 5.91 20.54 1.74
C PHE A 29 5.35 20.79 3.14
N ILE A 30 4.42 21.72 3.25
CA ILE A 30 3.86 22.03 4.55
C ILE A 30 2.81 21.06 5.06
N ILE A 31 1.78 20.78 4.27
CA ILE A 31 0.76 19.88 4.73
C ILE A 31 1.37 18.51 5.01
N GLN A 32 2.39 18.16 4.22
CA GLN A 32 3.08 16.90 4.40
C GLN A 32 3.56 16.73 5.84
N HIS A 33 4.18 17.78 6.38
CA HIS A 33 4.67 17.76 7.75
C HIS A 33 3.51 17.77 8.73
N GLN A 34 2.45 18.48 8.33
CA GLN A 34 1.27 18.62 9.17
C GLN A 34 0.45 17.35 9.32
N THR A 35 0.21 16.62 8.24
CA THR A 35 -0.54 15.39 8.38
C THR A 35 0.29 14.47 9.26
N SER A 36 1.59 14.43 8.96
CA SER A 36 2.48 13.60 9.73
C SER A 36 2.35 13.95 11.23
N GLU A 37 2.38 15.25 11.52
CA GLU A 37 2.29 15.71 12.90
C GLU A 37 0.94 15.34 13.56
N LEU A 38 -0.14 15.29 12.77
CA LEU A 38 -1.46 14.91 13.30
C LEU A 38 -1.48 13.42 13.62
N TRP A 39 -0.82 12.62 12.78
CA TRP A 39 -0.75 11.19 13.02
C TRP A 39 0.09 10.93 14.26
N LEU A 40 1.15 11.71 14.44
CA LEU A 40 2.00 11.55 15.61
C LEU A 40 1.19 11.81 16.88
N LYS A 41 0.22 12.71 16.79
CA LYS A 41 -0.60 12.98 17.96
C LYS A 41 -1.52 11.79 18.25
N LEU A 42 -2.07 11.16 17.21
CA LEU A 42 -2.95 10.01 17.44
C LEU A 42 -2.15 8.85 18.01
N LEU A 43 -0.94 8.67 17.49
CA LEU A 43 -0.07 7.59 17.94
C LEU A 43 0.21 7.69 19.43
N ALA A 44 0.69 8.83 19.90
CA ALA A 44 1.00 8.97 21.32
C ALA A 44 -0.23 8.66 22.17
N HIS A 45 -1.39 9.13 21.72
CA HIS A 45 -2.65 8.91 22.41
C HIS A 45 -2.90 7.40 22.64
N GLU A 46 -2.87 6.62 21.55
CA GLU A 46 -3.09 5.18 21.62
C GLU A 46 -2.00 4.50 22.44
N LEU A 47 -0.75 4.78 22.11
CA LEU A 47 0.35 4.18 22.84
C LEU A 47 0.20 4.38 24.34
N ARG A 48 -0.33 5.53 24.75
CA ARG A 48 -0.53 5.79 26.18
C ARG A 48 -1.57 4.83 26.73
N ALA A 49 -2.61 4.56 25.94
CA ALA A 49 -3.65 3.63 26.38
C ALA A 49 -3.00 2.25 26.59
N ALA A 50 -2.16 1.87 25.64
CA ALA A 50 -1.47 0.59 25.71
C ALA A 50 -0.69 0.40 27.02
N ILE A 51 0.02 1.43 27.46
CA ILE A 51 0.79 1.36 28.72
C ILE A 51 -0.14 1.05 29.90
N VAL A 52 -1.25 1.78 29.97
CA VAL A 52 -2.19 1.59 31.05
C VAL A 52 -2.73 0.16 31.05
N HIS A 53 -3.17 -0.31 29.89
CA HIS A 53 -3.71 -1.66 29.78
C HIS A 53 -2.76 -2.73 30.31
N LEU A 54 -1.48 -2.64 29.91
CA LEU A 54 -0.46 -3.58 30.36
C LEU A 54 -0.31 -3.52 31.87
N GLN A 55 -0.38 -2.33 32.44
CA GLN A 55 -0.25 -2.20 33.87
C GLN A 55 -1.41 -2.91 34.56
N ARG A 56 -2.59 -2.78 33.98
CA ARG A 56 -3.78 -3.40 34.55
C ARG A 56 -3.97 -4.84 34.09
N ASP A 57 -2.96 -5.40 33.45
CA ASP A 57 -3.05 -6.79 32.99
C ASP A 57 -4.16 -7.05 31.98
N GLU A 58 -4.57 -6.02 31.24
CA GLU A 58 -5.64 -6.18 30.26
C GLU A 58 -5.08 -6.41 28.85
N VAL A 59 -4.76 -7.67 28.56
CA VAL A 59 -4.14 -8.08 27.32
C VAL A 59 -4.83 -7.72 26.00
N TRP A 60 -6.09 -8.12 25.86
CA TRP A 60 -6.80 -7.87 24.61
C TRP A 60 -7.05 -6.40 24.35
N GLN A 61 -7.22 -5.61 25.40
CA GLN A 61 -7.41 -4.18 25.18
C GLN A 61 -6.07 -3.64 24.69
N CYS A 62 -4.98 -4.10 25.31
CA CYS A 62 -3.63 -3.62 24.99
C CYS A 62 -3.32 -3.96 23.57
N ARG A 63 -3.60 -5.21 23.31
CA ARG A 63 -3.42 -5.67 21.99
C ARG A 63 -4.18 -4.74 21.02
N LYS A 64 -5.43 -4.40 21.35
CA LYS A 64 -6.23 -3.62 20.42
C LYS A 64 -6.26 -2.14 20.52
N VAL A 65 -5.08 -1.66 20.75
CA VAL A 65 -4.84 -0.27 20.71
C VAL A 65 -3.50 -0.37 20.00
N LEU A 66 -2.82 -1.51 20.17
CA LEU A 66 -1.54 -1.74 19.51
C LEU A 66 -1.76 -2.11 18.04
N ALA A 67 -2.95 -2.64 17.76
CA ALA A 67 -3.29 -3.00 16.39
C ALA A 67 -3.47 -1.71 15.59
N ARG A 68 -4.09 -0.71 16.22
CA ARG A 68 -4.31 0.58 15.59
C ARG A 68 -2.97 1.33 15.45
N SER A 69 -2.13 1.25 16.48
CA SER A 69 -0.82 1.92 16.44
C SER A 69 -0.05 1.49 15.21
N LYS A 70 -0.11 0.20 14.89
CA LYS A 70 0.57 -0.32 13.72
C LYS A 70 0.06 0.35 12.46
N GLN A 71 -1.27 0.50 12.36
CA GLN A 71 -1.89 1.15 11.20
C GLN A 71 -1.43 2.60 11.08
N VAL A 72 -1.42 3.32 12.20
CA VAL A 72 -0.98 4.71 12.16
C VAL A 72 0.49 4.75 11.72
N LEU A 73 1.30 3.85 12.26
CA LEU A 73 2.70 3.80 11.87
C LEU A 73 2.87 3.46 10.40
N ARG A 74 1.97 2.65 9.86
CA ARG A 74 2.06 2.31 8.46
C ARG A 74 1.64 3.53 7.63
N GLN A 75 0.87 4.40 8.26
CA GLN A 75 0.43 5.61 7.57
C GLN A 75 1.60 6.59 7.48
N LEU A 76 2.35 6.72 8.57
CA LEU A 76 3.50 7.62 8.57
C LEU A 76 4.47 7.19 7.50
N THR A 77 4.50 5.88 7.25
CA THR A 77 5.39 5.30 6.26
C THR A 77 4.94 5.49 4.81
N GLU A 78 3.70 5.11 4.53
CA GLU A 78 3.14 5.24 3.18
C GLU A 78 3.18 6.69 2.69
N GLN A 79 2.85 7.60 3.58
CA GLN A 79 2.83 9.04 3.33
C GLN A 79 4.03 9.61 2.55
N TRP A 80 5.20 9.00 2.72
CA TRP A 80 6.39 9.48 2.04
C TRP A 80 6.32 9.40 0.51
N SER A 81 5.45 8.53 0.00
CA SER A 81 5.33 8.38 -1.44
C SER A 81 4.90 9.67 -2.14
N VAL A 82 4.27 10.59 -1.42
CA VAL A 82 3.83 11.82 -2.05
C VAL A 82 4.93 12.85 -2.02
N LEU A 83 5.72 12.87 -0.96
CA LEU A 83 6.81 13.83 -0.86
C LEU A 83 7.94 13.50 -1.84
N GLU A 84 8.01 12.23 -2.28
CA GLU A 84 9.04 11.79 -3.23
C GLU A 84 8.89 12.46 -4.59
N THR A 85 7.75 13.08 -4.83
CA THR A 85 7.49 13.75 -6.09
C THR A 85 8.07 15.18 -6.08
N LEU A 86 8.68 15.58 -4.97
CA LEU A 86 9.29 16.91 -4.89
C LEU A 86 10.70 16.81 -5.44
N THR A 87 10.95 17.44 -6.58
CA THR A 87 12.28 17.37 -7.20
C THR A 87 13.22 18.48 -6.73
N PRO A 88 14.54 18.26 -6.84
CA PRO A 88 15.54 19.27 -6.44
C PRO A 88 15.25 20.63 -7.06
N SER A 89 14.81 20.60 -8.32
CA SER A 89 14.49 21.79 -9.10
C SER A 89 13.32 22.57 -8.51
N GLU A 90 12.33 21.82 -7.99
CA GLU A 90 11.15 22.41 -7.39
C GLU A 90 11.54 22.87 -5.97
N TYR A 91 12.40 22.10 -5.34
CA TYR A 91 12.87 22.43 -4.00
C TYR A 91 13.72 23.71 -3.97
N MSE A 92 14.51 23.95 -5.02
CA MSE A 92 15.34 25.16 -5.08
C MSE A 92 14.52 26.41 -4.88
O MSE A 92 14.97 27.36 -4.24
CB MSE A 92 16.00 25.31 -6.44
CG MSE A 92 16.86 24.20 -6.92
SE MSE A 92 17.62 24.82 -8.59
CE MSE A 92 16.02 24.84 -9.68
N GLY A 93 13.32 26.42 -5.47
CA GLY A 93 12.42 27.56 -5.41
C GLY A 93 12.06 28.16 -4.06
N PHE A 94 11.90 27.33 -3.03
CA PHE A 94 11.55 27.84 -1.71
C PHE A 94 12.52 27.30 -0.65
N ARG A 95 13.55 26.62 -1.12
CA ARG A 95 14.57 26.07 -0.25
C ARG A 95 15.09 27.18 0.66
N ASP A 96 15.39 28.32 0.05
CA ASP A 96 15.96 29.45 0.76
C ASP A 96 15.07 30.22 1.71
N VAL A 97 13.94 29.69 2.11
CA VAL A 97 13.19 30.49 3.06
C VAL A 97 13.12 29.77 4.39
N LEU A 98 13.15 28.44 4.34
CA LEU A 98 13.14 27.65 5.56
C LEU A 98 14.57 27.56 6.05
N GLY A 99 14.74 27.43 7.36
CA GLY A 99 16.07 27.34 7.92
C GLY A 99 16.12 26.13 8.83
N PHE A 104 14.71 21.96 13.20
CA PHE A 104 13.56 21.22 12.70
C PHE A 104 13.36 19.88 13.40
N GLN A 105 13.00 19.94 14.68
CA GLN A 105 12.76 18.74 15.49
C GLN A 105 11.32 18.72 16.00
N SER A 106 10.75 17.54 16.11
CA SER A 106 9.38 17.37 16.57
C SER A 106 9.35 16.93 18.05
N LEU A 107 8.58 17.64 18.87
CA LEU A 107 8.47 17.29 20.28
C LEU A 107 7.61 16.04 20.42
N GLN A 108 6.70 15.83 19.47
CA GLN A 108 5.84 14.67 19.52
C GLN A 108 6.62 13.44 19.07
N TYR A 109 7.57 13.63 18.17
CA TYR A 109 8.38 12.52 17.70
C TYR A 109 9.21 11.99 18.85
N ARG A 110 9.91 12.88 19.52
CA ARG A 110 10.77 12.49 20.63
C ARG A 110 9.93 11.88 21.75
N TYR A 111 8.69 12.34 21.88
CA TYR A 111 7.79 11.80 22.90
C TYR A 111 7.60 10.32 22.55
N ILE A 112 7.23 10.06 21.29
CA ILE A 112 7.02 8.70 20.81
C ILE A 112 8.26 7.84 21.03
N GLU A 113 9.44 8.41 20.76
CA GLU A 113 10.67 7.67 20.92
C GLU A 113 10.96 7.40 22.38
N PHE A 114 10.59 8.33 23.25
CA PHE A 114 10.79 8.15 24.69
C PHE A 114 9.93 7.00 25.18
N LEU A 115 8.68 7.01 24.76
CA LEU A 115 7.71 5.98 25.14
C LEU A 115 8.19 4.56 24.86
N LEU A 116 8.77 4.35 23.68
CA LEU A 116 9.24 3.04 23.28
C LEU A 116 10.54 2.64 23.99
N GLY A 117 11.13 3.57 24.74
CA GLY A 117 12.33 3.22 25.47
C GLY A 117 13.65 3.89 25.15
N ASN A 118 13.75 4.57 24.01
CA ASN A 118 14.99 5.25 23.66
C ASN A 118 15.03 6.57 24.43
N LYS A 119 15.41 6.46 25.70
CA LYS A 119 15.49 7.60 26.61
C LYS A 119 16.83 8.33 26.49
N ASN A 120 16.79 9.65 26.45
CA ASN A 120 17.99 10.47 26.36
C ASN A 120 17.79 11.75 27.16
N PRO A 121 18.24 11.77 28.43
CA PRO A 121 18.11 12.93 29.32
C PRO A 121 18.52 14.27 28.72
N GLN A 122 19.38 14.22 27.72
CA GLN A 122 19.86 15.43 27.06
C GLN A 122 18.77 16.13 26.25
N MSE A 123 17.82 15.37 25.72
CA MSE A 123 16.75 15.94 24.93
C MSE A 123 15.96 16.98 25.71
O MSE A 123 15.65 18.04 25.18
CB MSE A 123 15.79 14.86 24.43
CG MSE A 123 16.36 13.96 23.35
SE MSE A 123 16.94 14.94 21.78
CE MSE A 123 18.81 15.15 22.24
N LEU A 124 15.73 16.70 26.98
CA LEU A 124 14.94 17.59 27.83
C LEU A 124 15.24 19.06 27.64
N GLN A 125 16.51 19.42 27.76
CA GLN A 125 16.90 20.82 27.66
C GLN A 125 16.66 21.43 26.29
N VAL A 126 16.68 20.62 25.24
CA VAL A 126 16.44 21.17 23.93
C VAL A 126 14.97 21.58 23.82
N PHE A 127 14.19 21.32 24.87
CA PHE A 127 12.77 21.68 24.90
C PHE A 127 12.48 22.51 26.12
N ALA A 128 13.39 23.40 26.46
CA ALA A 128 13.15 24.22 27.63
C ALA A 128 12.24 25.36 27.23
N TYR A 129 11.46 25.26 26.15
CA TYR A 129 10.75 26.51 25.87
C TYR A 129 9.27 26.57 26.06
N ASP A 130 8.70 25.39 26.04
CA ASP A 130 7.30 25.16 26.22
C ASP A 130 7.37 24.23 27.41
N PRO A 131 7.55 24.80 28.62
CA PRO A 131 7.61 23.96 29.80
C PRO A 131 6.54 22.96 29.98
N ALA A 132 5.40 23.23 29.36
CA ALA A 132 4.27 22.32 29.46
C ALA A 132 4.64 21.01 28.79
N GLY A 133 5.12 21.11 27.55
CA GLY A 133 5.53 19.92 26.82
C GLY A 133 6.73 19.25 27.48
N GLN A 134 7.72 20.05 27.86
CA GLN A 134 8.92 19.54 28.53
C GLN A 134 8.52 18.70 29.73
N ALA A 135 7.47 19.13 30.42
CA ALA A 135 6.97 18.41 31.60
C ALA A 135 6.35 17.09 31.17
N ARG A 136 5.60 17.11 30.07
CA ARG A 136 4.96 15.90 29.57
C ARG A 136 6.10 14.93 29.26
N LEU A 137 7.12 15.47 28.60
CA LEU A 137 8.30 14.71 28.20
C LEU A 137 9.04 14.12 29.41
N ARG A 138 9.18 14.92 30.47
CA ARG A 138 9.86 14.46 31.66
C ARG A 138 9.08 13.34 32.34
N GLU A 139 7.75 13.41 32.28
CA GLU A 139 6.94 12.38 32.92
C GLU A 139 7.29 11.03 32.31
N VAL A 140 7.34 11.01 30.98
CA VAL A 140 7.66 9.78 30.26
C VAL A 140 9.08 9.32 30.53
N LEU A 141 10.01 10.26 30.49
CA LEU A 141 11.42 9.97 30.75
C LEU A 141 11.63 9.23 32.05
N GLU A 142 10.86 9.61 33.06
CA GLU A 142 10.94 9.03 34.41
C GLU A 142 10.17 7.76 34.68
N ALA A 143 9.26 7.39 33.79
CA ALA A 143 8.49 6.17 33.99
C ALA A 143 8.95 5.04 33.05
N PRO A 144 8.69 3.79 33.45
CA PRO A 144 9.09 2.63 32.64
C PRO A 144 8.59 2.79 31.20
N SER A 145 9.24 2.13 30.26
CA SER A 145 8.82 2.22 28.86
C SER A 145 7.73 1.19 28.55
N LEU A 146 7.19 1.26 27.33
CA LEU A 146 6.17 0.32 26.89
C LEU A 146 6.81 -1.05 27.07
N TYR A 147 8.03 -1.19 26.57
CA TYR A 147 8.77 -2.44 26.67
C TYR A 147 8.95 -2.84 28.14
N GLU A 148 9.36 -1.89 28.97
CA GLU A 148 9.57 -2.17 30.39
C GLU A 148 8.29 -2.57 31.11
N GLU A 149 7.17 -1.97 30.74
CA GLU A 149 5.90 -2.33 31.37
C GLU A 149 5.58 -3.77 30.96
N PHE A 150 5.93 -4.10 29.72
CA PHE A 150 5.71 -5.44 29.22
C PHE A 150 6.48 -6.43 30.08
N LEU A 151 7.76 -6.15 30.33
CA LEU A 151 8.54 -7.05 31.19
C LEU A 151 7.95 -7.12 32.60
N ARG A 152 7.54 -5.98 33.14
CA ARG A 152 6.96 -5.96 34.48
C ARG A 152 5.69 -6.82 34.47
N TYR A 153 5.01 -6.83 33.33
CA TYR A 153 3.80 -7.63 33.15
C TYR A 153 4.15 -9.14 33.26
N LEU A 154 5.18 -9.56 32.53
CA LEU A 154 5.60 -10.95 32.54
C LEU A 154 5.98 -11.41 33.94
N ALA A 155 6.57 -10.51 34.72
CA ALA A 155 7.00 -10.81 36.09
C ALA A 155 5.78 -11.15 36.96
N ARG A 156 4.64 -10.60 36.57
CA ARG A 156 3.40 -10.84 37.29
C ARG A 156 2.77 -12.19 36.96
N PHE A 157 3.35 -12.94 36.03
CA PHE A 157 2.78 -14.24 35.69
C PHE A 157 3.72 -15.44 35.57
N GLY A 158 4.71 -15.50 36.46
CA GLY A 158 5.64 -16.63 36.51
C GLY A 158 6.89 -16.71 35.68
N HIS A 159 7.21 -15.66 34.93
CA HIS A 159 8.40 -15.68 34.09
C HIS A 159 9.63 -15.17 34.85
N ALA A 160 10.76 -15.85 34.66
CA ALA A 160 12.00 -15.52 35.37
C ALA A 160 12.60 -14.15 35.07
N ILE A 161 11.83 -13.08 35.24
CA ILE A 161 12.35 -11.74 34.99
C ILE A 161 13.21 -11.27 36.15
N PRO A 162 14.43 -10.80 35.85
CA PRO A 162 15.37 -10.30 36.87
C PRO A 162 14.72 -9.33 37.86
N GLN A 163 14.97 -9.54 39.14
CA GLN A 163 14.41 -8.70 40.19
C GLN A 163 14.55 -7.19 40.00
N GLN A 164 15.69 -6.78 39.44
CA GLN A 164 15.96 -5.37 39.22
C GLN A 164 14.89 -4.60 38.44
N TYR A 165 14.09 -5.32 37.65
CA TYR A 165 13.06 -4.64 36.86
C TYR A 165 11.82 -4.23 37.66
N GLN A 166 11.76 -4.59 38.93
CA GLN A 166 10.61 -4.20 39.75
C GLN A 166 10.72 -2.71 40.10
N ALA A 167 11.96 -2.23 40.22
CA ALA A 167 12.18 -0.82 40.54
C ALA A 167 13.62 -0.39 40.32
N ARG A 168 13.81 0.69 39.56
CA ARG A 168 15.14 1.22 39.29
C ARG A 168 15.01 2.63 38.70
N ASP A 169 16.11 3.14 38.16
CA ASP A 169 16.11 4.47 37.55
C ASP A 169 15.74 4.33 36.08
N TRP A 170 14.50 4.69 35.74
CA TRP A 170 14.03 4.57 34.37
C TRP A 170 14.55 5.67 33.45
N THR A 171 15.46 6.48 33.99
CA THR A 171 16.09 7.58 33.26
C THR A 171 17.04 7.10 32.19
N ALA A 172 17.70 5.97 32.45
CA ALA A 172 18.64 5.40 31.52
C ALA A 172 17.92 4.47 30.54
N ALA A 173 18.30 4.56 29.27
CA ALA A 173 17.70 3.71 28.25
C ALA A 173 18.00 2.27 28.61
N HIS A 174 17.05 1.39 28.36
CA HIS A 174 17.24 -0.01 28.64
C HIS A 174 18.50 -0.54 28.00
N VAL A 175 19.26 -1.33 28.74
CA VAL A 175 20.47 -1.93 28.21
C VAL A 175 20.27 -3.43 27.92
N ALA A 176 20.70 -3.87 26.74
CA ALA A 176 20.57 -5.29 26.37
C ALA A 176 20.94 -6.17 27.56
N ASP A 177 19.99 -7.02 27.97
CA ASP A 177 20.19 -7.92 29.10
C ASP A 177 20.11 -9.39 28.63
N ASP A 178 21.24 -10.09 28.71
CA ASP A 178 21.32 -11.47 28.30
C ASP A 178 20.60 -12.47 29.21
N THR A 179 20.22 -12.05 30.40
CA THR A 179 19.52 -12.95 31.31
C THR A 179 18.06 -13.07 30.90
N LEU A 180 17.70 -12.32 29.87
CA LEU A 180 16.34 -12.32 29.35
C LEU A 180 16.13 -13.35 28.22
N ARG A 181 17.23 -13.93 27.73
CA ARG A 181 17.16 -14.89 26.65
C ARG A 181 16.32 -16.13 26.95
N PRO A 182 16.63 -16.83 28.04
CA PRO A 182 15.85 -18.03 28.36
C PRO A 182 14.36 -17.77 28.61
N VAL A 183 14.04 -16.56 29.09
CA VAL A 183 12.67 -16.18 29.35
C VAL A 183 11.86 -16.15 28.05
N PHE A 184 12.38 -15.45 27.03
CA PHE A 184 11.72 -15.35 25.73
C PHE A 184 11.93 -16.62 24.93
N GLU A 185 12.90 -17.41 25.36
CA GLU A 185 13.20 -18.66 24.70
C GLU A 185 12.05 -19.61 25.02
N ARG A 186 11.68 -19.69 26.31
CA ARG A 186 10.61 -20.59 26.75
C ARG A 186 9.26 -20.24 26.17
N ILE A 187 8.99 -18.95 26.00
CA ILE A 187 7.71 -18.52 25.44
C ILE A 187 7.53 -19.10 24.03
N TYR A 188 8.47 -18.80 23.15
CA TYR A 188 8.37 -19.26 21.78
C TYR A 188 8.41 -20.77 21.63
N GLU A 189 8.91 -21.46 22.65
CA GLU A 189 9.00 -22.89 22.56
C GLU A 189 7.66 -23.67 22.89
N ASN A 190 6.66 -23.09 23.63
CA ASN A 190 5.35 -23.77 23.93
C ASN A 190 4.18 -22.87 23.62
N THR A 191 4.12 -22.42 22.39
CA THR A 191 3.07 -21.50 22.01
C THR A 191 1.73 -21.77 22.70
N ASP A 192 1.39 -23.04 22.86
CA ASP A 192 0.12 -23.41 23.48
C ASP A 192 -0.04 -22.87 24.92
N ARG A 193 0.98 -22.99 25.78
CA ARG A 193 0.86 -22.51 27.19
C ARG A 193 0.97 -20.96 27.25
N TYR A 194 1.81 -20.35 26.40
CA TYR A 194 2.00 -18.89 26.43
C TYR A 194 1.47 -18.10 25.23
N TRP A 195 0.27 -18.43 24.76
CA TRP A 195 -0.27 -17.73 23.60
C TRP A 195 -0.38 -16.22 23.82
N ARG A 196 -0.78 -15.79 25.02
CA ARG A 196 -0.89 -14.35 25.29
C ARG A 196 0.48 -13.69 25.13
N GLU A 197 1.46 -14.15 25.89
CA GLU A 197 2.81 -13.58 25.82
C GLU A 197 3.36 -13.65 24.39
N TYR A 198 3.17 -14.78 23.73
CA TYR A 198 3.62 -14.98 22.36
C TYR A 198 3.08 -13.89 21.43
N SER A 199 1.81 -13.55 21.56
CA SER A 199 1.16 -12.52 20.73
C SER A 199 1.70 -11.10 20.95
N LEU A 200 1.97 -10.77 22.21
CA LEU A 200 2.48 -9.45 22.54
C LEU A 200 3.90 -9.31 21.99
N CYS A 201 4.71 -10.38 22.08
CA CYS A 201 6.06 -10.34 21.55
C CYS A 201 6.00 -9.98 20.06
N GLU A 202 5.13 -10.69 19.34
CA GLU A 202 4.96 -10.44 17.93
C GLU A 202 4.39 -9.04 17.65
N ASP A 203 3.45 -8.56 18.47
CA ASP A 203 2.92 -7.21 18.28
C ASP A 203 4.07 -6.22 18.47
N LEU A 204 4.93 -6.46 19.45
CA LEU A 204 6.06 -5.58 19.70
C LEU A 204 7.07 -5.62 18.56
N VAL A 205 7.35 -6.80 18.01
CA VAL A 205 8.26 -6.88 16.88
C VAL A 205 7.67 -6.09 15.71
N ASP A 206 6.37 -6.22 15.50
CA ASP A 206 5.71 -5.48 14.42
C ASP A 206 5.88 -3.98 14.58
N VAL A 207 5.65 -3.51 15.80
CA VAL A 207 5.77 -2.09 16.10
C VAL A 207 7.18 -1.58 15.80
N GLU A 208 8.22 -2.29 16.23
CA GLU A 208 9.57 -1.82 15.95
C GLU A 208 9.94 -1.93 14.48
N THR A 209 9.47 -2.96 13.82
CA THR A 209 9.76 -3.13 12.40
C THR A 209 9.09 -2.05 11.57
N GLN A 210 7.80 -1.84 11.77
CA GLN A 210 7.09 -0.83 11.00
C GLN A 210 7.75 0.52 11.25
N PHE A 211 8.22 0.71 12.48
CA PHE A 211 8.88 1.95 12.87
C PHE A 211 10.22 2.14 12.16
N GLN A 212 10.95 1.05 11.95
CA GLN A 212 12.24 1.13 11.28
C GLN A 212 11.97 1.50 9.82
N LEU A 213 11.03 0.80 9.23
CA LEU A 213 10.67 1.05 7.85
C LEU A 213 10.41 2.54 7.65
N TRP A 214 9.71 3.14 8.61
CA TRP A 214 9.38 4.56 8.55
C TRP A 214 10.64 5.44 8.59
N ARG A 215 11.60 5.07 9.43
CA ARG A 215 12.82 5.85 9.52
C ARG A 215 13.66 5.71 8.26
N PHE A 216 13.57 4.56 7.58
CA PHE A 216 14.32 4.33 6.36
C PHE A 216 13.75 5.15 5.21
N ARG A 217 12.43 5.10 5.04
CA ARG A 217 11.79 5.87 3.99
C ARG A 217 12.20 7.31 4.18
N HIS A 218 12.07 7.78 5.42
CA HIS A 218 12.43 9.15 5.74
C HIS A 218 13.80 9.49 5.17
N MSE A 219 14.80 8.69 5.52
CA MSE A 219 16.14 8.93 5.04
C MSE A 219 16.30 8.90 3.52
O MSE A 219 17.01 9.74 2.96
CB MSE A 219 17.08 7.97 5.72
CG MSE A 219 18.52 8.26 5.47
SE MSE A 219 19.24 6.90 4.38
CE MSE A 219 20.13 5.91 5.79
N ARG A 220 15.63 7.98 2.83
CA ARG A 220 15.75 7.92 1.36
C ARG A 220 15.15 9.13 0.66
N THR A 221 14.13 9.73 1.27
CA THR A 221 13.51 10.91 0.69
C THR A 221 14.41 12.11 0.90
N VAL A 222 15.13 12.14 2.03
CA VAL A 222 16.04 13.25 2.31
C VAL A 222 17.13 13.21 1.26
N MSE A 223 17.54 12.01 0.88
CA MSE A 223 18.56 11.85 -0.13
C MSE A 223 18.11 12.35 -1.49
O MSE A 223 18.78 13.20 -2.09
CB MSE A 223 18.96 10.37 -0.26
CG MSE A 223 19.98 9.88 0.76
SE MSE A 223 20.47 8.03 0.42
CE MSE A 223 21.32 8.25 -1.31
N ARG A 224 16.99 11.86 -1.99
CA ARG A 224 16.54 12.30 -3.31
C ARG A 224 16.18 13.77 -3.39
N VAL A 225 15.91 14.41 -2.24
CA VAL A 225 15.53 15.81 -2.19
C VAL A 225 16.66 16.76 -1.82
N ILE A 226 17.38 16.45 -0.73
CA ILE A 226 18.46 17.33 -0.29
C ILE A 226 19.85 16.71 -0.38
N GLY A 227 19.92 15.39 -0.44
CA GLY A 227 21.20 14.71 -0.52
C GLY A 227 22.12 14.98 0.65
N PHE A 228 23.35 14.48 0.54
CA PHE A 228 24.40 14.63 1.54
C PHE A 228 24.65 16.10 1.89
N ALA A 244 22.69 4.48 8.21
CA ALA A 244 22.54 5.43 9.21
C ALA A 244 22.21 4.75 10.55
N LEU A 245 21.40 5.13 11.45
CA LEU A 245 21.26 4.52 12.70
C LEU A 245 20.30 3.35 12.80
N ALA A 246 20.96 2.35 13.35
CA ALA A 246 20.55 1.04 13.64
C ALA A 246 20.41 0.94 15.12
N LEU A 247 19.40 1.64 15.60
CA LEU A 247 19.12 1.53 16.97
C LEU A 247 18.17 0.35 16.99
N THR A 248 17.69 0.09 18.19
CA THR A 248 16.77 -0.98 18.43
C THR A 248 16.06 -0.71 19.74
N PHE A 249 14.76 -0.96 19.76
CA PHE A 249 13.94 -0.73 20.94
C PHE A 249 13.80 -1.96 21.83
N PHE A 250 13.63 -3.13 21.20
CA PHE A 250 13.44 -4.38 21.93
C PHE A 250 14.48 -5.44 21.52
N PRO A 251 15.76 -5.21 21.89
CA PRO A 251 16.94 -6.06 21.61
C PRO A 251 16.75 -7.56 21.77
N GLU A 252 16.46 -7.97 23.00
CA GLU A 252 16.29 -9.38 23.31
C GLU A 252 15.14 -10.05 22.54
N LEU A 253 14.11 -9.30 22.18
CA LEU A 253 13.01 -9.88 21.41
C LEU A 253 13.53 -10.25 20.02
N PHE A 254 14.57 -9.56 19.57
CA PHE A 254 15.18 -9.81 18.27
C PHE A 254 16.34 -10.78 18.41
N ASP A 255 17.11 -10.69 19.49
CA ASP A 255 18.22 -11.61 19.67
C ASP A 255 17.78 -13.06 19.78
N VAL A 256 16.68 -13.27 20.49
CA VAL A 256 16.14 -14.61 20.71
C VAL A 256 16.02 -15.45 19.42
N ARG A 257 15.85 -14.78 18.29
CA ARG A 257 15.73 -15.47 17.01
C ARG A 257 16.82 -16.49 16.74
N THR A 258 18.03 -16.23 17.24
CA THR A 258 19.17 -17.11 17.01
C THR A 258 19.31 -18.35 17.91
N SER A 259 18.57 -18.40 18.99
CA SER A 259 18.67 -19.55 19.88
C SER A 259 17.40 -20.38 19.97
N VAL A 260 16.25 -19.74 19.80
CA VAL A 260 14.98 -20.42 19.87
C VAL A 260 14.95 -21.75 19.10
N GLY A 261 14.88 -22.86 19.83
CA GLY A 261 14.82 -24.16 19.19
C GLY A 261 16.08 -25.03 19.14
N VAL A 262 17.20 -24.55 19.68
CA VAL A 262 18.41 -25.35 19.64
C VAL A 262 18.75 -26.03 20.98
N THR B 1 19.30 -27.41 -3.24
CA THR B 1 19.44 -26.28 -4.21
C THR B 1 18.26 -25.33 -4.16
N TYR B 2 18.51 -24.06 -4.49
CA TYR B 2 17.46 -23.05 -4.52
C TYR B 2 16.50 -23.44 -5.64
N GLY B 3 17.03 -23.49 -6.87
CA GLY B 3 16.22 -23.83 -8.02
C GLY B 3 15.56 -25.20 -7.96
N GLY B 4 16.14 -26.11 -7.17
CA GLY B 4 15.58 -27.44 -7.06
C GLY B 4 14.46 -27.55 -6.04
N TYR B 5 14.60 -26.88 -4.90
CA TYR B 5 13.58 -26.91 -3.86
C TYR B 5 12.28 -26.23 -4.30
N LEU B 6 12.42 -25.17 -5.09
CA LEU B 6 11.26 -24.43 -5.59
C LEU B 6 10.69 -24.97 -6.90
N ARG B 7 11.47 -25.82 -7.59
CA ARG B 7 11.08 -26.40 -8.88
C ARG B 7 11.02 -25.30 -9.93
N LEU B 8 12.00 -24.41 -9.90
CA LEU B 8 12.06 -23.27 -10.79
C LEU B 8 12.04 -23.57 -12.27
N ASP B 9 12.62 -24.69 -12.67
CA ASP B 9 12.61 -25.03 -14.09
C ASP B 9 11.18 -25.23 -14.57
N GLN B 10 10.34 -25.81 -13.71
CA GLN B 10 8.94 -26.06 -14.02
C GLN B 10 8.13 -24.77 -13.94
N LEU B 11 8.31 -24.03 -12.85
CA LEU B 11 7.59 -22.79 -12.65
C LEU B 11 7.86 -21.83 -13.80
N LEU B 12 9.14 -21.54 -14.06
CA LEU B 12 9.54 -20.61 -15.11
C LEU B 12 9.48 -21.12 -16.55
N SER B 13 8.78 -22.23 -16.77
CA SER B 13 8.64 -22.76 -18.12
C SER B 13 7.15 -22.90 -18.36
N ALA B 14 6.39 -22.26 -17.48
CA ALA B 14 4.94 -22.29 -17.55
C ALA B 14 4.40 -21.04 -18.22
N GLN B 15 5.27 -20.29 -18.89
CA GLN B 15 4.87 -19.07 -19.59
C GLN B 15 4.90 -19.34 -21.08
N GLN B 16 3.74 -19.65 -21.63
CA GLN B 16 3.61 -19.96 -23.03
C GLN B 16 2.84 -18.97 -23.88
N PRO B 17 3.36 -17.76 -24.06
CA PRO B 17 2.66 -16.79 -24.90
C PRO B 17 2.40 -17.32 -26.29
N LEU B 18 1.28 -16.95 -26.87
CA LEU B 18 0.98 -17.45 -28.19
C LEU B 18 0.45 -16.41 -29.13
N SER B 19 1.34 -15.63 -29.73
CA SER B 19 0.91 -14.59 -30.62
C SER B 19 1.52 -14.91 -31.93
N GLU B 20 0.93 -14.54 -33.03
CA GLU B 20 1.65 -15.11 -34.11
C GLU B 20 2.92 -14.33 -34.53
N PRO B 21 2.87 -12.96 -34.58
CA PRO B 21 4.21 -12.42 -34.56
C PRO B 21 4.02 -12.25 -32.97
N ALA B 22 4.88 -12.75 -32.09
CA ALA B 22 4.55 -12.64 -30.64
C ALA B 22 4.55 -11.22 -29.95
N HIS B 23 3.46 -10.86 -29.25
CA HIS B 23 3.28 -9.54 -28.57
C HIS B 23 4.01 -9.32 -27.23
N HIS B 24 4.48 -8.10 -27.04
CA HIS B 24 5.25 -7.69 -25.85
C HIS B 24 4.51 -7.66 -24.50
N ASP B 25 3.33 -7.06 -24.48
CA ASP B 25 2.54 -6.96 -23.26
C ASP B 25 1.83 -8.24 -22.86
N GLU B 26 1.89 -9.24 -23.74
CA GLU B 26 1.27 -10.51 -23.45
C GLU B 26 1.86 -11.13 -22.17
N MSE B 27 3.17 -11.02 -22.00
CA MSE B 27 3.83 -11.58 -20.82
C MSE B 27 3.25 -11.01 -19.51
O MSE B 27 3.00 -11.77 -18.57
CB MSE B 27 5.35 -11.30 -20.89
CG MSE B 27 6.20 -11.92 -19.76
SE MSE B 27 6.29 -13.88 -19.70
CE MSE B 27 7.37 -14.14 -21.30
N LEU B 28 3.04 -9.70 -19.46
CA LEU B 28 2.45 -9.08 -18.28
C LEU B 28 1.13 -9.75 -17.97
N PHE B 29 0.30 -9.88 -18.99
CA PHE B 29 -1.01 -10.51 -18.85
C PHE B 29 -0.90 -11.85 -18.14
N ILE B 30 0.03 -12.68 -18.63
CA ILE B 30 0.24 -14.01 -18.06
C ILE B 30 0.73 -14.00 -16.63
N ILE B 31 1.94 -13.52 -16.40
CA ILE B 31 2.46 -13.53 -15.04
C ILE B 31 1.58 -12.79 -14.03
N GLN B 32 0.78 -11.84 -14.50
CA GLN B 32 -0.14 -11.14 -13.62
C GLN B 32 -1.08 -12.18 -13.01
N HIS B 33 -1.78 -12.89 -13.89
CA HIS B 33 -2.73 -13.90 -13.44
C HIS B 33 -2.12 -15.09 -12.69
N GLN B 34 -0.90 -15.51 -13.06
CA GLN B 34 -0.26 -16.65 -12.43
C GLN B 34 0.15 -16.42 -10.98
N THR B 35 0.63 -15.22 -10.66
CA THR B 35 1.02 -14.92 -9.28
C THR B 35 -0.25 -14.81 -8.46
N SER B 36 -1.28 -14.28 -9.11
CA SER B 36 -2.57 -14.12 -8.49
C SER B 36 -3.09 -15.49 -8.10
N GLU B 37 -3.06 -16.41 -9.05
CA GLU B 37 -3.52 -17.76 -8.82
C GLU B 37 -2.71 -18.40 -7.70
N LEU B 38 -1.41 -18.14 -7.68
CA LEU B 38 -0.52 -18.68 -6.63
C LEU B 38 -0.94 -18.21 -5.24
N TRP B 39 -1.35 -16.94 -5.12
CA TRP B 39 -1.78 -16.46 -3.82
C TRP B 39 -3.08 -17.14 -3.46
N LEU B 40 -3.96 -17.32 -4.44
CA LEU B 40 -5.23 -18.00 -4.19
C LEU B 40 -4.99 -19.39 -3.59
N LYS B 41 -3.99 -20.08 -4.12
CA LYS B 41 -3.66 -21.40 -3.59
C LYS B 41 -3.21 -21.29 -2.12
N LEU B 42 -2.46 -20.25 -1.78
CA LEU B 42 -2.00 -20.07 -0.40
C LEU B 42 -3.15 -19.67 0.52
N LEU B 43 -4.09 -18.92 -0.05
CA LEU B 43 -5.26 -18.43 0.66
C LEU B 43 -6.20 -19.56 1.09
N ALA B 44 -6.36 -20.55 0.22
CA ALA B 44 -7.23 -21.69 0.50
C ALA B 44 -6.62 -22.53 1.62
N HIS B 45 -5.32 -22.76 1.50
CA HIS B 45 -4.54 -23.52 2.47
C HIS B 45 -4.76 -22.98 3.89
N GLU B 46 -4.68 -21.66 4.05
CA GLU B 46 -4.89 -21.03 5.34
C GLU B 46 -6.35 -21.10 5.76
N LEU B 47 -7.24 -20.72 4.85
CA LEU B 47 -8.66 -20.72 5.13
C LEU B 47 -9.17 -22.05 5.67
N ARG B 48 -8.57 -23.16 5.18
CA ARG B 48 -8.99 -24.49 5.63
C ARG B 48 -8.55 -24.69 7.07
N ALA B 49 -7.33 -24.26 7.35
CA ALA B 49 -6.78 -24.37 8.69
C ALA B 49 -7.70 -23.61 9.65
N ALA B 50 -8.18 -22.46 9.20
CA ALA B 50 -9.07 -21.63 10.01
C ALA B 50 -10.33 -22.41 10.38
N ILE B 51 -10.83 -23.21 9.44
CA ILE B 51 -12.02 -23.99 9.72
C ILE B 51 -11.73 -25.08 10.75
N VAL B 52 -10.65 -25.82 10.56
CA VAL B 52 -10.31 -26.88 11.52
C VAL B 52 -10.10 -26.30 12.92
N HIS B 53 -9.38 -25.19 13.03
CA HIS B 53 -9.15 -24.59 14.33
C HIS B 53 -10.48 -24.19 14.96
N LEU B 54 -11.36 -23.64 14.14
CA LEU B 54 -12.68 -23.19 14.59
C LEU B 54 -13.51 -24.34 15.13
N GLN B 55 -13.37 -25.50 14.53
CA GLN B 55 -14.12 -26.66 14.96
C GLN B 55 -13.63 -27.13 16.32
N ARG B 56 -12.34 -26.94 16.60
CA ARG B 56 -11.75 -27.36 17.86
C ARG B 56 -11.77 -26.29 18.92
N ASP B 57 -12.40 -25.16 18.62
CA ASP B 57 -12.48 -24.09 19.59
C ASP B 57 -11.11 -23.46 19.83
N GLU B 58 -10.15 -23.76 18.97
CA GLU B 58 -8.82 -23.20 19.09
C GLU B 58 -8.89 -21.76 18.58
N VAL B 59 -9.34 -20.85 19.43
CA VAL B 59 -9.52 -19.45 19.05
C VAL B 59 -8.29 -18.66 18.59
N TRP B 60 -7.22 -18.65 19.38
CA TRP B 60 -6.07 -17.87 18.96
C TRP B 60 -5.42 -18.41 17.70
N GLN B 61 -5.33 -19.73 17.58
CA GLN B 61 -4.74 -20.33 16.39
C GLN B 61 -5.56 -19.93 15.16
N CYS B 62 -6.86 -19.82 15.36
CA CYS B 62 -7.78 -19.52 14.27
C CYS B 62 -7.69 -18.08 13.88
N ARG B 63 -7.78 -17.23 14.87
CA ARG B 63 -7.70 -15.83 14.61
C ARG B 63 -6.46 -15.44 13.78
N LYS B 64 -5.40 -16.25 13.92
CA LYS B 64 -4.10 -16.01 13.29
C LYS B 64 -4.05 -16.30 11.81
N VAL B 65 -4.33 -17.54 11.50
CA VAL B 65 -4.35 -17.87 10.11
C VAL B 65 -5.25 -16.86 9.38
N LEU B 66 -6.26 -16.33 10.07
CA LEU B 66 -7.11 -15.34 9.42
C LEU B 66 -6.30 -14.06 9.20
N ALA B 67 -5.42 -13.74 10.13
CA ALA B 67 -4.57 -12.56 10.01
C ALA B 67 -3.73 -12.69 8.75
N ARG B 68 -3.15 -13.87 8.54
CA ARG B 68 -2.36 -14.10 7.34
C ARG B 68 -3.29 -13.99 6.13
N SER B 69 -4.48 -14.57 6.23
CA SER B 69 -5.44 -14.51 5.13
C SER B 69 -5.75 -13.06 4.79
N LYS B 70 -5.88 -12.22 5.83
CA LYS B 70 -6.15 -10.81 5.59
C LYS B 70 -5.01 -10.22 4.78
N GLN B 71 -3.78 -10.58 5.16
CA GLN B 71 -2.60 -10.07 4.47
C GLN B 71 -2.52 -10.57 3.03
N VAL B 72 -2.85 -11.84 2.82
CA VAL B 72 -2.84 -12.41 1.46
C VAL B 72 -3.89 -11.67 0.63
N LEU B 73 -5.11 -11.59 1.13
CA LEU B 73 -6.18 -10.87 0.44
C LEU B 73 -5.77 -9.45 0.07
N ARG B 74 -5.08 -8.77 0.97
CA ARG B 74 -4.61 -7.42 0.68
C ARG B 74 -3.70 -7.46 -0.55
N GLN B 75 -2.83 -8.47 -0.64
CA GLN B 75 -1.93 -8.60 -1.79
C GLN B 75 -2.69 -8.83 -3.10
N LEU B 76 -3.71 -9.69 -3.07
CA LEU B 76 -4.51 -9.96 -4.25
C LEU B 76 -5.09 -8.66 -4.77
N THR B 77 -5.42 -7.77 -3.83
CA THR B 77 -6.01 -6.49 -4.17
C THR B 77 -5.00 -5.50 -4.72
N GLU B 78 -3.96 -5.23 -3.93
CA GLU B 78 -2.93 -4.29 -4.32
C GLU B 78 -2.32 -4.61 -5.69
N GLN B 79 -2.31 -5.89 -6.02
CA GLN B 79 -1.75 -6.44 -7.26
C GLN B 79 -2.26 -5.94 -8.60
N TRP B 80 -3.51 -5.46 -8.65
CA TRP B 80 -4.06 -4.98 -9.90
C TRP B 80 -3.37 -3.70 -10.37
N SER B 81 -2.58 -3.11 -9.48
CA SER B 81 -1.88 -1.87 -9.79
C SER B 81 -0.92 -1.98 -10.98
N VAL B 82 -0.51 -3.20 -11.32
CA VAL B 82 0.40 -3.38 -12.44
C VAL B 82 -0.36 -3.73 -13.72
N LEU B 83 -1.49 -4.43 -13.61
CA LEU B 83 -2.24 -4.77 -14.81
C LEU B 83 -2.87 -3.49 -15.37
N GLU B 84 -3.15 -2.52 -14.49
CA GLU B 84 -3.74 -1.25 -14.90
C GLU B 84 -2.86 -0.48 -15.88
N THR B 85 -1.59 -0.88 -15.99
CA THR B 85 -0.66 -0.23 -16.91
C THR B 85 -0.80 -0.85 -18.29
N LEU B 86 -1.72 -1.79 -18.44
CA LEU B 86 -1.96 -2.40 -19.75
C LEU B 86 -3.01 -1.53 -20.43
N THR B 87 -2.70 -1.00 -21.62
CA THR B 87 -3.64 -0.15 -22.33
C THR B 87 -4.38 -0.87 -23.47
N PRO B 88 -5.57 -0.37 -23.85
CA PRO B 88 -6.38 -0.96 -24.92
C PRO B 88 -5.59 -1.07 -26.23
N SER B 89 -4.65 -0.15 -26.42
CA SER B 89 -3.81 -0.11 -27.61
C SER B 89 -2.86 -1.32 -27.60
N GLU B 90 -2.39 -1.66 -26.41
CA GLU B 90 -1.47 -2.77 -26.21
C GLU B 90 -2.22 -4.10 -26.24
N TYR B 91 -3.41 -4.11 -25.65
CA TYR B 91 -4.25 -5.29 -25.57
C TYR B 91 -4.67 -5.78 -26.96
N MSE B 92 -4.83 -4.85 -27.90
CA MSE B 92 -5.22 -5.22 -29.26
C MSE B 92 -4.24 -6.22 -29.86
O MSE B 92 -4.64 -7.16 -30.55
CB MSE B 92 -5.20 -4.01 -30.18
CG MSE B 92 -6.26 -2.98 -29.96
SE MSE B 92 -5.78 -1.52 -31.13
CE MSE B 92 -5.68 -2.45 -32.83
N GLY B 93 -2.96 -5.96 -29.62
CA GLY B 93 -1.90 -6.79 -30.14
C GLY B 93 -1.94 -8.27 -29.83
N PHE B 94 -2.81 -8.69 -28.92
CA PHE B 94 -2.90 -10.11 -28.60
C PHE B 94 -4.28 -10.56 -28.10
N ARG B 95 -5.25 -9.64 -28.11
CA ARG B 95 -6.62 -9.92 -27.67
C ARG B 95 -7.22 -11.18 -28.30
N ASP B 96 -6.62 -11.67 -29.38
CA ASP B 96 -7.12 -12.87 -30.01
C ASP B 96 -6.80 -14.12 -29.18
N VAL B 97 -7.50 -14.20 -28.06
CA VAL B 97 -7.42 -15.27 -27.08
C VAL B 97 -8.88 -15.75 -26.91
N LEU B 98 -9.31 -16.09 -25.70
CA LEU B 98 -10.70 -16.55 -25.50
C LEU B 98 -11.65 -15.40 -25.08
N GLY B 99 -12.67 -15.73 -24.28
CA GLY B 99 -13.62 -14.73 -23.84
C GLY B 99 -14.23 -15.04 -22.48
N PHE B 104 -13.50 -17.62 -19.53
CA PHE B 104 -12.39 -17.15 -18.70
C PHE B 104 -12.71 -17.11 -17.21
N GLN B 105 -12.96 -18.28 -16.64
CA GLN B 105 -13.30 -18.44 -15.22
C GLN B 105 -12.04 -18.68 -14.35
N SER B 106 -12.22 -19.37 -13.22
CA SER B 106 -11.11 -19.67 -12.30
C SER B 106 -11.53 -20.59 -11.15
N LEU B 107 -11.30 -21.88 -11.33
CA LEU B 107 -11.65 -22.89 -10.33
C LEU B 107 -11.17 -22.50 -8.93
N GLN B 108 -9.92 -22.08 -8.80
CA GLN B 108 -9.41 -21.69 -7.49
C GLN B 108 -10.23 -20.55 -6.91
N TYR B 109 -10.49 -19.53 -7.72
CA TYR B 109 -11.28 -18.41 -7.26
C TYR B 109 -12.61 -18.91 -6.72
N ARG B 110 -13.29 -19.71 -7.52
CA ARG B 110 -14.59 -20.26 -7.14
C ARG B 110 -14.53 -21.05 -5.84
N TYR B 111 -13.42 -21.77 -5.62
CA TYR B 111 -13.26 -22.56 -4.41
C TYR B 111 -13.38 -21.69 -3.16
N ILE B 112 -12.68 -20.55 -3.16
CA ILE B 112 -12.69 -19.63 -2.02
C ILE B 112 -14.09 -19.06 -1.73
N GLU B 113 -14.86 -18.78 -2.77
CA GLU B 113 -16.20 -18.24 -2.58
C GLU B 113 -17.10 -19.27 -1.97
N PHE B 114 -16.97 -20.51 -2.43
CA PHE B 114 -17.76 -21.60 -1.89
C PHE B 114 -17.42 -21.71 -0.41
N LEU B 115 -16.12 -21.74 -0.14
CA LEU B 115 -15.59 -21.86 1.22
C LEU B 115 -16.15 -20.80 2.14
N LEU B 116 -16.22 -19.56 1.67
CA LEU B 116 -16.75 -18.47 2.49
C LEU B 116 -18.24 -18.62 2.67
N GLY B 117 -18.89 -19.32 1.75
CA GLY B 117 -20.32 -19.52 1.91
C GLY B 117 -21.24 -19.25 0.72
N ASN B 118 -20.75 -18.53 -0.28
CA ASN B 118 -21.60 -18.27 -1.43
C ASN B 118 -21.66 -19.54 -2.27
N LYS B 119 -22.45 -20.49 -1.79
CA LYS B 119 -22.61 -21.77 -2.45
C LYS B 119 -23.47 -21.66 -3.72
N ASN B 120 -23.05 -22.36 -4.77
CA ASN B 120 -23.77 -22.38 -6.05
C ASN B 120 -23.49 -23.67 -6.85
N PRO B 121 -24.34 -24.71 -6.68
CA PRO B 121 -24.17 -25.99 -7.37
C PRO B 121 -24.05 -25.90 -8.89
N GLN B 122 -24.73 -24.92 -9.48
CA GLN B 122 -24.70 -24.74 -10.93
C GLN B 122 -23.30 -24.48 -11.46
N MSE B 123 -22.39 -24.09 -10.58
CA MSE B 123 -21.01 -23.79 -10.96
C MSE B 123 -20.21 -25.05 -11.28
O MSE B 123 -19.35 -25.05 -12.16
CB MSE B 123 -20.32 -23.02 -9.84
CG MSE B 123 -19.19 -22.14 -10.30
SE MSE B 123 -19.87 -20.77 -11.46
CE MSE B 123 -20.71 -19.64 -10.14
N LEU B 124 -20.49 -26.13 -10.55
CA LEU B 124 -19.80 -27.40 -10.76
C LEU B 124 -19.77 -27.81 -12.23
N GLN B 125 -20.74 -27.32 -12.99
CA GLN B 125 -20.82 -27.67 -14.39
C GLN B 125 -19.97 -26.85 -15.34
N VAL B 126 -19.52 -25.67 -14.92
CA VAL B 126 -18.69 -24.86 -15.80
C VAL B 126 -17.28 -25.44 -15.83
N PHE B 127 -17.07 -26.49 -15.04
CA PHE B 127 -15.78 -27.16 -14.96
C PHE B 127 -16.03 -28.65 -15.18
N ALA B 128 -16.68 -28.96 -16.29
CA ALA B 128 -16.99 -30.34 -16.65
C ALA B 128 -15.71 -31.14 -16.84
N TYR B 129 -14.59 -30.43 -17.00
CA TYR B 129 -13.31 -31.08 -17.21
C TYR B 129 -12.50 -31.18 -15.91
N ASP B 130 -11.40 -31.91 -15.96
CA ASP B 130 -10.54 -32.14 -14.80
C ASP B 130 -11.38 -32.35 -13.53
N PRO B 131 -12.16 -33.44 -13.51
CA PRO B 131 -13.04 -33.81 -12.40
C PRO B 131 -12.35 -33.83 -11.04
N ALA B 132 -11.01 -33.82 -11.04
CA ALA B 132 -10.27 -33.82 -9.78
C ALA B 132 -10.48 -32.46 -9.16
N GLY B 133 -10.41 -31.42 -9.98
CA GLY B 133 -10.62 -30.06 -9.51
C GLY B 133 -12.09 -29.80 -9.29
N GLN B 134 -12.93 -30.44 -10.10
CA GLN B 134 -14.37 -30.31 -10.00
C GLN B 134 -14.78 -31.02 -8.69
N ALA B 135 -14.09 -32.10 -8.39
CA ALA B 135 -14.36 -32.88 -7.19
C ALA B 135 -14.05 -32.05 -5.95
N ARG B 136 -13.08 -31.14 -6.06
CA ARG B 136 -12.71 -30.30 -4.92
C ARG B 136 -13.86 -29.37 -4.58
N LEU B 137 -14.49 -28.81 -5.60
CA LEU B 137 -15.62 -27.91 -5.38
C LEU B 137 -16.73 -28.64 -4.65
N ARG B 138 -17.20 -29.74 -5.23
CA ARG B 138 -18.28 -30.51 -4.63
C ARG B 138 -18.04 -30.82 -3.15
N GLU B 139 -16.83 -31.29 -2.85
CA GLU B 139 -16.47 -31.64 -1.49
C GLU B 139 -16.59 -30.48 -0.50
N VAL B 140 -16.22 -29.29 -0.93
CA VAL B 140 -16.30 -28.14 -0.05
C VAL B 140 -17.72 -27.61 -0.05
N LEU B 141 -18.41 -27.81 -1.17
CA LEU B 141 -19.78 -27.35 -1.34
C LEU B 141 -20.74 -27.99 -0.33
N GLU B 142 -20.46 -29.24 0.04
CA GLU B 142 -21.32 -30.00 0.97
C GLU B 142 -20.99 -29.76 2.44
N ALA B 143 -19.83 -29.19 2.71
CA ALA B 143 -19.41 -28.91 4.08
C ALA B 143 -19.90 -27.54 4.48
N PRO B 144 -20.08 -27.31 5.80
CA PRO B 144 -20.54 -26.01 6.26
C PRO B 144 -19.53 -24.96 5.79
N SER B 145 -19.95 -23.70 5.73
CA SER B 145 -19.07 -22.60 5.30
C SER B 145 -18.18 -22.13 6.45
N LEU B 146 -17.24 -21.24 6.15
CA LEU B 146 -16.36 -20.72 7.17
C LEU B 146 -17.25 -19.98 8.17
N TYR B 147 -18.23 -19.25 7.66
CA TYR B 147 -19.16 -18.50 8.50
C TYR B 147 -20.01 -19.44 9.36
N GLU B 148 -20.51 -20.51 8.76
CA GLU B 148 -21.35 -21.43 9.51
C GLU B 148 -20.62 -22.19 10.62
N GLU B 149 -19.33 -22.47 10.42
CA GLU B 149 -18.58 -23.17 11.46
C GLU B 149 -18.36 -22.20 12.61
N PHE B 150 -18.57 -20.92 12.32
CA PHE B 150 -18.43 -19.90 13.34
C PHE B 150 -19.70 -19.89 14.19
N LEU B 151 -20.87 -20.01 13.54
CA LEU B 151 -22.12 -20.03 14.28
C LEU B 151 -22.21 -21.25 15.17
N ARG B 152 -21.60 -22.34 14.75
CA ARG B 152 -21.65 -23.56 15.55
C ARG B 152 -20.65 -23.41 16.69
N TYR B 153 -19.67 -22.55 16.46
CA TYR B 153 -18.69 -22.29 17.50
C TYR B 153 -19.44 -21.56 18.63
N LEU B 154 -20.19 -20.54 18.26
CA LEU B 154 -20.96 -19.77 19.22
C LEU B 154 -21.96 -20.64 20.01
N ALA B 155 -22.61 -21.57 19.31
CA ALA B 155 -23.57 -22.46 19.96
C ALA B 155 -22.87 -23.25 21.05
N ARG B 156 -21.62 -23.64 20.81
CA ARG B 156 -20.89 -24.39 21.82
C ARG B 156 -20.65 -23.58 23.09
N PHE B 157 -20.77 -22.25 23.01
CA PHE B 157 -20.53 -21.45 24.21
C PHE B 157 -21.71 -20.71 24.84
N GLY B 158 -22.92 -21.20 24.57
CA GLY B 158 -24.10 -20.62 25.20
C GLY B 158 -24.79 -19.45 24.54
N HIS B 159 -24.51 -19.21 23.27
CA HIS B 159 -25.17 -18.11 22.57
C HIS B 159 -26.43 -18.67 21.94
N ALA B 160 -27.44 -17.82 21.77
CA ALA B 160 -28.72 -18.25 21.20
C ALA B 160 -28.64 -18.58 19.73
N ILE B 161 -28.04 -19.72 19.41
CA ILE B 161 -27.95 -20.11 18.01
C ILE B 161 -29.09 -21.04 17.62
N PRO B 162 -29.81 -20.70 16.55
CA PRO B 162 -30.93 -21.55 16.11
C PRO B 162 -30.48 -22.99 15.87
N GLN B 163 -31.30 -23.93 16.30
CA GLN B 163 -31.04 -25.36 16.16
C GLN B 163 -30.60 -25.86 14.79
N GLN B 164 -31.22 -25.34 13.73
CA GLN B 164 -30.91 -25.76 12.37
C GLN B 164 -29.45 -25.74 11.95
N TYR B 165 -28.63 -24.90 12.56
CA TYR B 165 -27.22 -24.83 12.18
C TYR B 165 -26.43 -26.06 12.61
N GLN B 166 -27.06 -26.91 13.43
CA GLN B 166 -26.43 -28.14 13.89
C GLN B 166 -26.36 -29.17 12.77
N ALA B 167 -27.33 -29.11 11.86
CA ALA B 167 -27.40 -30.02 10.73
C ALA B 167 -28.45 -29.57 9.72
N ARG B 168 -28.04 -29.46 8.45
CA ARG B 168 -28.90 -29.03 7.36
C ARG B 168 -28.25 -29.27 5.99
N ASP B 169 -28.90 -28.79 4.92
CA ASP B 169 -28.38 -28.94 3.57
C ASP B 169 -27.36 -27.83 3.30
N TRP B 170 -26.09 -28.12 3.58
CA TRP B 170 -25.00 -27.15 3.40
C TRP B 170 -24.82 -26.70 1.96
N THR B 171 -25.47 -27.39 1.04
CA THR B 171 -25.40 -27.07 -0.39
C THR B 171 -26.08 -25.76 -0.72
N ALA B 172 -27.02 -25.34 0.12
CA ALA B 172 -27.76 -24.11 -0.10
C ALA B 172 -27.13 -22.92 0.63
N ALA B 173 -26.73 -21.92 -0.15
CA ALA B 173 -26.10 -20.71 0.36
C ALA B 173 -26.85 -20.09 1.53
N HIS B 174 -26.13 -19.80 2.62
CA HIS B 174 -26.72 -19.21 3.81
C HIS B 174 -27.71 -18.11 3.49
N VAL B 175 -28.73 -18.00 4.33
CA VAL B 175 -29.76 -16.98 4.17
C VAL B 175 -29.84 -16.17 5.45
N ALA B 176 -29.69 -14.85 5.31
CA ALA B 176 -29.73 -13.92 6.44
C ALA B 176 -30.85 -14.30 7.38
N ASP B 177 -30.55 -14.31 8.68
CA ASP B 177 -31.52 -14.71 9.69
C ASP B 177 -31.67 -13.69 10.83
N ASP B 178 -32.83 -13.03 10.89
CA ASP B 178 -33.14 -12.03 11.90
C ASP B 178 -32.96 -12.48 13.35
N THR B 179 -33.10 -13.78 13.61
CA THR B 179 -32.95 -14.28 14.96
C THR B 179 -31.52 -14.30 15.49
N LEU B 180 -30.54 -13.96 14.66
CA LEU B 180 -29.15 -13.89 15.09
C LEU B 180 -28.86 -12.50 15.67
N ARG B 181 -29.53 -11.49 15.12
CA ARG B 181 -29.37 -10.11 15.54
C ARG B 181 -29.16 -9.87 17.04
N PRO B 182 -30.01 -10.47 17.89
CA PRO B 182 -29.82 -10.26 19.33
C PRO B 182 -28.57 -10.94 19.90
N VAL B 183 -28.10 -11.98 19.23
CA VAL B 183 -26.93 -12.69 19.68
C VAL B 183 -25.69 -11.80 19.53
N PHE B 184 -25.61 -11.13 18.38
CA PHE B 184 -24.49 -10.23 18.11
C PHE B 184 -24.68 -8.92 18.84
N GLU B 185 -25.91 -8.65 19.24
CA GLU B 185 -26.21 -7.43 19.96
C GLU B 185 -25.60 -7.57 21.34
N ARG B 186 -25.78 -8.75 21.95
CA ARG B 186 -25.23 -9.00 23.29
C ARG B 186 -23.72 -9.01 23.25
N ILE B 187 -23.14 -9.49 22.15
CA ILE B 187 -21.70 -9.56 22.02
C ILE B 187 -21.07 -8.17 21.88
N TYR B 188 -21.62 -7.33 21.01
CA TYR B 188 -21.05 -6.00 20.84
C TYR B 188 -21.34 -5.03 22.01
N GLU B 189 -22.40 -5.28 22.76
CA GLU B 189 -22.74 -4.39 23.87
C GLU B 189 -22.17 -4.85 25.21
N ASN B 190 -21.34 -5.88 25.17
CA ASN B 190 -20.70 -6.42 26.37
C ASN B 190 -19.36 -7.04 25.95
N THR B 191 -18.53 -6.24 25.28
CA THR B 191 -17.24 -6.68 24.76
C THR B 191 -16.23 -7.27 25.73
N ASP B 192 -16.36 -7.00 27.01
CA ASP B 192 -15.39 -7.54 27.94
C ASP B 192 -15.64 -9.01 28.20
N ARG B 193 -16.89 -9.36 28.47
CA ARG B 193 -17.26 -10.75 28.72
C ARG B 193 -17.08 -11.61 27.47
N TYR B 194 -17.33 -11.01 26.30
CA TYR B 194 -17.21 -11.76 25.05
C TYR B 194 -16.09 -11.30 24.09
N TRP B 195 -14.92 -10.96 24.63
CA TRP B 195 -13.84 -10.49 23.77
C TRP B 195 -13.43 -11.47 22.68
N ARG B 196 -13.45 -12.76 22.97
CA ARG B 196 -13.07 -13.73 21.96
C ARG B 196 -14.04 -13.64 20.80
N GLU B 197 -15.34 -13.80 21.10
CA GLU B 197 -16.35 -13.73 20.05
C GLU B 197 -16.26 -12.38 19.35
N TYR B 198 -16.14 -11.30 20.13
CA TYR B 198 -16.03 -9.93 19.62
C TYR B 198 -14.91 -9.82 18.60
N SER B 199 -13.72 -10.29 18.97
CA SER B 199 -12.58 -10.23 18.08
C SER B 199 -12.78 -11.08 16.81
N LEU B 200 -13.36 -12.27 16.94
CA LEU B 200 -13.59 -13.10 15.75
C LEU B 200 -14.58 -12.42 14.78
N CYS B 201 -15.60 -11.76 15.33
CA CYS B 201 -16.60 -11.05 14.52
C CYS B 201 -15.88 -10.03 13.65
N GLU B 202 -15.09 -9.19 14.31
CA GLU B 202 -14.35 -8.15 13.62
C GLU B 202 -13.36 -8.76 12.62
N ASP B 203 -12.85 -9.94 12.94
CA ASP B 203 -11.94 -10.58 12.02
C ASP B 203 -12.71 -10.92 10.74
N LEU B 204 -13.96 -11.37 10.91
CA LEU B 204 -14.78 -11.73 9.76
C LEU B 204 -15.19 -10.53 8.91
N VAL B 205 -15.54 -9.42 9.57
CA VAL B 205 -15.89 -8.21 8.84
C VAL B 205 -14.70 -7.77 7.98
N ASP B 206 -13.49 -7.92 8.52
CA ASP B 206 -12.27 -7.57 7.78
C ASP B 206 -12.15 -8.44 6.51
N VAL B 207 -12.25 -9.74 6.69
CA VAL B 207 -12.12 -10.62 5.55
C VAL B 207 -13.13 -10.34 4.46
N GLU B 208 -14.36 -10.01 4.80
CA GLU B 208 -15.32 -9.75 3.73
C GLU B 208 -15.02 -8.44 3.01
N THR B 209 -14.75 -7.38 3.79
CA THR B 209 -14.44 -6.07 3.24
C THR B 209 -13.28 -6.16 2.24
N GLN B 210 -12.16 -6.70 2.73
CA GLN B 210 -10.98 -6.85 1.91
C GLN B 210 -11.31 -7.60 0.62
N PHE B 211 -12.11 -8.66 0.75
CA PHE B 211 -12.52 -9.46 -0.41
C PHE B 211 -13.35 -8.56 -1.32
N GLN B 212 -14.31 -7.86 -0.73
CA GLN B 212 -15.16 -6.97 -1.50
C GLN B 212 -14.32 -5.97 -2.28
N LEU B 213 -13.33 -5.40 -1.61
CA LEU B 213 -12.45 -4.43 -2.24
C LEU B 213 -11.75 -5.05 -3.45
N TRP B 214 -11.33 -6.30 -3.29
CA TRP B 214 -10.62 -7.02 -4.34
C TRP B 214 -11.52 -7.23 -5.56
N ARG B 215 -12.77 -7.59 -5.31
CA ARG B 215 -13.70 -7.77 -6.42
C ARG B 215 -13.91 -6.43 -7.13
N PHE B 216 -14.06 -5.36 -6.35
CA PHE B 216 -14.25 -4.02 -6.92
C PHE B 216 -13.09 -3.58 -7.83
N ARG B 217 -11.85 -3.81 -7.35
CA ARG B 217 -10.65 -3.45 -8.12
C ARG B 217 -10.63 -4.22 -9.44
N HIS B 218 -10.86 -5.51 -9.32
CA HIS B 218 -10.89 -6.41 -10.45
C HIS B 218 -11.80 -5.84 -11.52
N MSE B 219 -13.00 -5.47 -11.12
CA MSE B 219 -13.97 -4.93 -12.07
C MSE B 219 -13.54 -3.61 -12.71
O MSE B 219 -13.71 -3.42 -13.91
CB MSE B 219 -15.33 -4.80 -11.40
CG MSE B 219 -16.40 -4.32 -12.32
SE MSE B 219 -16.78 -2.47 -11.98
CE MSE B 219 -18.16 -2.74 -10.64
N ARG B 220 -12.98 -2.70 -11.91
CA ARG B 220 -12.52 -1.40 -12.42
C ARG B 220 -11.33 -1.56 -13.35
N THR B 221 -10.51 -2.57 -13.12
CA THR B 221 -9.35 -2.80 -13.97
C THR B 221 -9.83 -3.38 -15.29
N VAL B 222 -10.92 -4.14 -15.24
CA VAL B 222 -11.48 -4.74 -16.45
C VAL B 222 -12.12 -3.67 -17.30
N MSE B 223 -12.72 -2.68 -16.64
CA MSE B 223 -13.38 -1.58 -17.32
C MSE B 223 -12.44 -0.78 -18.19
O MSE B 223 -12.78 -0.41 -19.31
CB MSE B 223 -14.02 -0.64 -16.30
CG MSE B 223 -15.51 -0.82 -16.13
SE MSE B 223 -16.29 0.49 -14.93
CE MSE B 223 -16.18 2.05 -16.10
N ARG B 224 -11.24 -0.52 -17.68
CA ARG B 224 -10.30 0.28 -18.44
C ARG B 224 -9.55 -0.49 -19.52
N VAL B 225 -9.46 -1.81 -19.36
CA VAL B 225 -8.74 -2.60 -20.35
C VAL B 225 -9.63 -3.12 -21.49
N ILE B 226 -10.75 -3.74 -21.13
CA ILE B 226 -11.66 -4.31 -22.12
C ILE B 226 -12.86 -3.41 -22.42
N GLY B 227 -13.36 -2.74 -21.39
CA GLY B 227 -14.52 -1.87 -21.55
C GLY B 227 -15.80 -2.66 -21.45
N PHE B 228 -16.88 -2.01 -21.04
CA PHE B 228 -18.18 -2.67 -20.91
C PHE B 228 -18.60 -3.35 -22.21
N LEU B 245 -21.19 -7.63 -6.86
CA LEU B 245 -21.03 -6.64 -5.83
C LEU B 245 -22.28 -6.39 -5.06
N ALA B 246 -23.04 -7.41 -4.77
CA ALA B 246 -24.16 -7.11 -3.92
C ALA B 246 -24.12 -8.38 -3.12
N LEU B 247 -23.24 -9.29 -3.53
CA LEU B 247 -23.10 -10.48 -2.70
C LEU B 247 -22.63 -9.99 -1.31
N THR B 248 -22.94 -10.76 -0.29
CA THR B 248 -22.55 -10.45 1.09
C THR B 248 -22.52 -11.78 1.86
N PHE B 249 -21.32 -12.18 2.30
CA PHE B 249 -21.12 -13.46 3.01
C PHE B 249 -21.65 -13.52 4.44
N PHE B 250 -21.41 -12.47 5.21
CA PHE B 250 -21.82 -12.45 6.62
C PHE B 250 -22.85 -11.34 6.91
N PRO B 251 -24.07 -11.49 6.39
CA PRO B 251 -25.14 -10.50 6.58
C PRO B 251 -25.46 -10.02 7.98
N GLU B 252 -25.81 -10.95 8.89
CA GLU B 252 -26.15 -10.56 10.26
C GLU B 252 -25.05 -9.71 10.90
N LEU B 253 -23.80 -10.01 10.56
CA LEU B 253 -22.65 -9.28 11.09
C LEU B 253 -22.73 -7.81 10.71
N PHE B 254 -23.05 -7.53 9.44
CA PHE B 254 -23.17 -6.16 8.99
C PHE B 254 -24.50 -5.56 9.41
N ASP B 255 -25.55 -6.36 9.45
CA ASP B 255 -26.86 -5.85 9.86
C ASP B 255 -26.89 -5.27 11.28
N VAL B 256 -26.44 -6.06 12.25
CA VAL B 256 -26.44 -5.63 13.65
C VAL B 256 -25.91 -4.21 13.88
N ARG B 257 -25.00 -3.75 13.03
CA ARG B 257 -24.43 -2.40 13.18
C ARG B 257 -25.55 -1.36 13.29
N THR B 258 -26.67 -1.68 12.65
CA THR B 258 -27.84 -0.83 12.60
C THR B 258 -28.67 -0.72 13.89
N SER B 259 -28.51 -1.68 14.79
CA SER B 259 -29.30 -1.72 16.03
C SER B 259 -28.48 -1.93 17.30
N VAL B 260 -27.17 -1.92 17.19
CA VAL B 260 -26.32 -2.16 18.35
C VAL B 260 -26.32 -0.97 19.33
N GLY B 261 -27.49 -0.38 19.53
CA GLY B 261 -27.63 0.73 20.44
C GLY B 261 -28.59 0.36 21.56
N VAL B 262 -28.93 -0.92 21.59
CA VAL B 262 -29.85 -1.52 22.57
C VAL B 262 -29.25 -1.43 23.98
N THR C 1 -9.30 -22.63 -22.74
CA THR C 1 -9.58 -22.65 -21.27
C THR C 1 -8.65 -21.72 -20.51
N TYR C 2 -9.19 -21.04 -19.50
CA TYR C 2 -8.41 -20.14 -18.66
C TYR C 2 -7.24 -20.95 -18.09
N GLY C 3 -7.54 -22.14 -17.58
CA GLY C 3 -6.52 -23.00 -17.02
C GLY C 3 -5.47 -23.44 -18.04
N GLY C 4 -5.91 -23.67 -19.27
CA GLY C 4 -5.02 -24.09 -20.33
C GLY C 4 -4.04 -23.04 -20.81
N TYR C 5 -4.54 -21.81 -21.04
CA TYR C 5 -3.68 -20.72 -21.51
C TYR C 5 -2.62 -20.32 -20.50
N LEU C 6 -2.97 -20.37 -19.23
CA LEU C 6 -2.06 -20.01 -18.15
C LEU C 6 -1.23 -21.20 -17.65
N ARG C 7 -1.47 -22.38 -18.25
CA ARG C 7 -0.75 -23.59 -17.85
C ARG C 7 -0.86 -23.83 -16.33
N LEU C 8 -2.06 -23.68 -15.77
CA LEU C 8 -2.26 -23.83 -14.33
C LEU C 8 -1.96 -25.18 -13.68
N ASP C 9 -2.08 -26.28 -14.42
CA ASP C 9 -1.79 -27.58 -13.81
C ASP C 9 -0.29 -27.73 -13.57
N GLN C 10 0.49 -27.15 -14.47
CA GLN C 10 1.93 -27.16 -14.34
C GLN C 10 2.28 -26.21 -13.20
N LEU C 11 1.78 -24.97 -13.30
CA LEU C 11 2.02 -23.93 -12.31
C LEU C 11 1.61 -24.32 -10.89
N LEU C 12 0.41 -24.89 -10.76
CA LEU C 12 -0.10 -25.28 -9.46
C LEU C 12 0.38 -26.65 -8.95
N SER C 13 1.34 -27.26 -9.65
CA SER C 13 1.87 -28.55 -9.20
C SER C 13 3.39 -28.45 -9.00
N ALA C 14 3.88 -27.23 -8.89
CA ALA C 14 5.30 -26.98 -8.69
C ALA C 14 5.63 -26.77 -7.21
N GLN C 15 4.62 -26.94 -6.36
CA GLN C 15 4.80 -26.78 -4.90
C GLN C 15 4.93 -28.15 -4.21
N GLN C 16 6.16 -28.48 -3.82
CA GLN C 16 6.45 -29.75 -3.18
C GLN C 16 7.16 -29.55 -1.86
N PRO C 17 6.40 -29.26 -0.79
CA PRO C 17 7.02 -29.06 0.52
C PRO C 17 7.66 -30.37 0.93
N LEU C 18 8.83 -30.34 1.56
CA LEU C 18 9.45 -31.60 1.93
C LEU C 18 9.62 -31.90 3.41
N SER C 19 8.83 -31.23 4.25
CA SER C 19 8.89 -31.45 5.69
C SER C 19 8.18 -32.76 6.03
N GLU C 20 8.78 -33.50 6.97
CA GLU C 20 8.30 -34.81 7.44
C GLU C 20 6.79 -34.98 7.61
N PRO C 21 6.17 -34.22 8.53
CA PRO C 21 4.73 -34.40 8.67
C PRO C 21 3.94 -33.33 7.93
N ALA C 22 4.56 -32.68 6.95
CA ALA C 22 3.89 -31.64 6.17
C ALA C 22 3.47 -30.47 7.07
N HIS C 23 4.43 -29.60 7.39
CA HIS C 23 4.19 -28.45 8.25
C HIS C 23 3.29 -27.45 7.54
N HIS C 24 2.34 -26.90 8.30
CA HIS C 24 1.39 -25.92 7.76
C HIS C 24 2.00 -24.67 7.16
N ASP C 25 3.03 -24.15 7.81
CA ASP C 25 3.67 -22.92 7.36
C ASP C 25 4.71 -23.06 6.27
N GLU C 26 4.94 -24.27 5.77
CA GLU C 26 5.94 -24.39 4.71
C GLU C 26 5.43 -23.79 3.39
N MSE C 27 4.14 -23.95 3.13
CA MSE C 27 3.51 -23.46 1.90
C MSE C 27 3.71 -21.95 1.67
O MSE C 27 4.04 -21.53 0.56
CB MSE C 27 2.02 -23.81 1.89
CG MSE C 27 1.32 -23.57 0.57
SE MSE C 27 1.90 -24.71 -0.89
CE MSE C 27 0.66 -26.17 -0.64
N LEU C 28 3.49 -21.15 2.72
CA LEU C 28 3.69 -19.71 2.64
C LEU C 28 5.09 -19.50 2.12
N PHE C 29 6.05 -20.15 2.78
CA PHE C 29 7.44 -20.01 2.41
C PHE C 29 7.75 -20.27 0.93
N ILE C 30 7.09 -21.27 0.34
CA ILE C 30 7.34 -21.60 -1.06
C ILE C 30 6.68 -20.60 -2.01
N ILE C 31 5.37 -20.43 -1.84
CA ILE C 31 4.63 -19.49 -2.68
C ILE C 31 5.34 -18.15 -2.73
N GLN C 32 5.60 -17.58 -1.56
CA GLN C 32 6.28 -16.29 -1.43
C GLN C 32 7.51 -16.20 -2.33
N HIS C 33 8.31 -17.25 -2.34
CA HIS C 33 9.51 -17.26 -3.17
C HIS C 33 9.16 -17.38 -4.65
N GLN C 34 8.09 -18.11 -4.95
CA GLN C 34 7.67 -18.32 -6.32
C GLN C 34 7.04 -17.10 -6.98
N THR C 35 6.20 -16.38 -6.25
CA THR C 35 5.59 -15.19 -6.83
C THR C 35 6.68 -14.19 -7.13
N SER C 36 7.59 -14.04 -6.18
CA SER C 36 8.70 -13.14 -6.33
C SER C 36 9.51 -13.48 -7.59
N GLU C 37 9.88 -14.74 -7.73
CA GLU C 37 10.67 -15.19 -8.87
C GLU C 37 9.93 -14.88 -10.20
N LEU C 38 8.61 -15.00 -10.23
CA LEU C 38 7.83 -14.69 -11.44
C LEU C 38 7.88 -13.19 -11.72
N TRP C 39 7.75 -12.36 -10.68
CA TRP C 39 7.84 -10.93 -10.88
C TRP C 39 9.25 -10.59 -11.42
N LEU C 40 10.28 -11.28 -10.92
CA LEU C 40 11.62 -11.01 -11.39
C LEU C 40 11.69 -11.31 -12.89
N LYS C 41 10.88 -12.27 -13.34
CA LYS C 41 10.88 -12.57 -14.76
C LYS C 41 10.18 -11.46 -15.55
N LEU C 42 9.19 -10.80 -14.96
CA LEU C 42 8.49 -9.72 -15.66
C LEU C 42 9.42 -8.51 -15.70
N LEU C 43 10.06 -8.24 -14.56
CA LEU C 43 10.97 -7.10 -14.45
C LEU C 43 12.04 -7.17 -15.54
N ALA C 44 12.83 -8.23 -15.55
CA ALA C 44 13.86 -8.34 -16.56
C ALA C 44 13.31 -8.10 -17.96
N HIS C 45 12.14 -8.66 -18.24
CA HIS C 45 11.50 -8.53 -19.55
C HIS C 45 11.26 -7.05 -19.95
N GLU C 46 10.63 -6.27 -19.06
CA GLU C 46 10.37 -4.86 -19.32
C GLU C 46 11.69 -4.10 -19.45
N LEU C 47 12.52 -4.19 -18.41
CA LEU C 47 13.80 -3.54 -18.37
C LEU C 47 14.61 -3.72 -19.66
N ARG C 48 14.55 -4.92 -20.24
CA ARG C 48 15.29 -5.19 -21.47
C ARG C 48 14.70 -4.32 -22.59
N ALA C 49 13.40 -4.10 -22.54
CA ALA C 49 12.72 -3.27 -23.55
C ALA C 49 13.17 -1.82 -23.42
N ALA C 50 13.33 -1.38 -22.18
CA ALA C 50 13.77 -0.01 -21.92
C ALA C 50 15.14 0.27 -22.53
N ILE C 51 16.08 -0.67 -22.40
CA ILE C 51 17.40 -0.48 -22.96
C ILE C 51 17.34 -0.32 -24.47
N VAL C 52 16.46 -1.10 -25.13
CA VAL C 52 16.33 -1.00 -26.57
C VAL C 52 15.72 0.35 -26.93
N HIS C 53 14.67 0.75 -26.21
CA HIS C 53 14.04 2.04 -26.49
C HIS C 53 15.07 3.16 -26.44
N LEU C 54 15.82 3.22 -25.33
CA LEU C 54 16.86 4.23 -25.17
C LEU C 54 17.80 4.21 -26.36
N GLN C 55 18.27 3.02 -26.73
CA GLN C 55 19.18 2.88 -27.85
C GLN C 55 18.61 3.50 -29.10
N ARG C 56 17.28 3.42 -29.26
CA ARG C 56 16.65 3.98 -30.44
C ARG C 56 16.05 5.37 -30.24
N ASP C 57 16.52 6.06 -29.20
CA ASP C 57 16.04 7.41 -28.95
C ASP C 57 14.53 7.50 -28.77
N GLU C 58 13.91 6.44 -28.27
CA GLU C 58 12.45 6.45 -28.08
C GLU C 58 12.08 6.67 -26.61
N VAL C 59 12.09 7.95 -26.21
CA VAL C 59 11.82 8.34 -24.83
C VAL C 59 10.50 7.95 -24.20
N TRP C 60 9.39 8.31 -24.83
CA TRP C 60 8.09 8.01 -24.24
C TRP C 60 7.84 6.52 -24.06
N GLN C 61 8.17 5.72 -25.06
CA GLN C 61 8.01 4.28 -24.92
C GLN C 61 8.88 3.77 -23.78
N CYS C 62 10.13 4.21 -23.72
CA CYS C 62 11.05 3.71 -22.70
C CYS C 62 10.62 4.24 -21.40
N ARG C 63 9.87 5.28 -21.50
CA ARG C 63 9.43 5.77 -20.28
C ARG C 63 8.23 4.93 -19.98
N LYS C 64 7.72 4.21 -20.97
CA LYS C 64 6.47 3.52 -20.70
C LYS C 64 6.62 2.11 -20.23
N VAL C 65 7.85 1.72 -20.09
CA VAL C 65 8.15 0.41 -19.62
C VAL C 65 8.85 0.59 -18.29
N LEU C 66 9.35 1.80 -18.02
CA LEU C 66 9.99 2.08 -16.74
C LEU C 66 8.89 2.35 -15.72
N ALA C 67 7.77 2.90 -16.21
CA ALA C 67 6.65 3.17 -15.33
C ALA C 67 6.14 1.83 -14.81
N ARG C 68 6.02 0.86 -15.71
CA ARG C 68 5.56 -0.45 -15.30
C ARG C 68 6.58 -1.07 -14.35
N SER C 69 7.86 -1.05 -14.71
CA SER C 69 8.92 -1.62 -13.88
C SER C 69 8.84 -1.15 -12.44
N LYS C 70 8.50 0.12 -12.25
CA LYS C 70 8.39 0.66 -10.90
C LYS C 70 7.26 -0.05 -10.16
N GLN C 71 6.14 -0.23 -10.84
CA GLN C 71 4.98 -0.91 -10.25
C GLN C 71 5.31 -2.32 -9.83
N VAL C 72 6.03 -3.02 -10.68
CA VAL C 72 6.45 -4.38 -10.40
C VAL C 72 7.41 -4.37 -9.21
N LEU C 73 8.34 -3.42 -9.19
CA LEU C 73 9.27 -3.32 -8.09
C LEU C 73 8.52 -3.05 -6.79
N ARG C 74 7.49 -2.21 -6.86
CA ARG C 74 6.72 -1.91 -5.66
C ARG C 74 6.02 -3.18 -5.17
N GLN C 75 5.83 -4.14 -6.07
CA GLN C 75 5.19 -5.39 -5.68
C GLN C 75 6.19 -6.31 -4.99
N LEU C 76 7.42 -6.35 -5.50
CA LEU C 76 8.45 -7.17 -4.89
C LEU C 76 8.64 -6.73 -3.45
N THR C 77 8.33 -5.45 -3.20
CA THR C 77 8.44 -4.85 -1.88
C THR C 77 7.22 -5.12 -1.00
N GLU C 78 6.03 -5.03 -1.58
CA GLU C 78 4.80 -5.25 -0.82
C GLU C 78 4.68 -6.67 -0.24
N GLN C 79 5.04 -7.68 -1.04
CA GLN C 79 4.97 -9.09 -0.63
C GLN C 79 5.56 -9.48 0.72
N TRP C 80 6.53 -8.72 1.22
CA TRP C 80 7.13 -9.06 2.49
C TRP C 80 6.13 -8.98 3.65
N SER C 81 5.08 -8.18 3.46
CA SER C 81 4.06 -8.04 4.49
C SER C 81 3.43 -9.37 4.88
N VAL C 82 3.41 -10.32 3.95
CA VAL C 82 2.79 -11.60 4.26
C VAL C 82 3.80 -12.54 4.88
N LEU C 83 5.03 -12.53 4.38
CA LEU C 83 6.05 -13.40 4.95
C LEU C 83 6.35 -12.98 6.38
N GLU C 84 6.01 -11.75 6.74
CA GLU C 84 6.23 -11.22 8.08
C GLU C 84 5.38 -11.95 9.11
N THR C 85 4.35 -12.63 8.63
CA THR C 85 3.46 -13.37 9.50
C THR C 85 4.09 -14.70 9.90
N LEU C 86 5.29 -14.97 9.39
CA LEU C 86 5.98 -16.22 9.72
C LEU C 86 6.83 -16.01 10.96
N THR C 87 6.48 -16.67 12.06
CA THR C 87 7.22 -16.50 13.30
C THR C 87 8.32 -17.54 13.50
N PRO C 88 9.30 -17.25 14.39
CA PRO C 88 10.40 -18.18 14.66
C PRO C 88 9.87 -19.56 15.05
N SER C 89 8.81 -19.57 15.85
CA SER C 89 8.16 -20.79 16.33
C SER C 89 7.67 -21.67 15.19
N GLU C 90 7.10 -21.03 14.16
CA GLU C 90 6.57 -21.74 13.01
C GLU C 90 7.74 -22.16 12.09
N TYR C 91 8.76 -21.32 12.00
CA TYR C 91 9.93 -21.59 11.18
C TYR C 91 10.75 -22.77 11.70
N MSE C 92 10.79 -22.96 13.02
CA MSE C 92 11.54 -24.08 13.60
C MSE C 92 11.08 -25.40 13.01
O MSE C 92 11.88 -26.29 12.77
CB MSE C 92 11.30 -24.22 15.10
CG MSE C 92 11.55 -23.04 15.97
SE MSE C 92 11.28 -23.65 17.79
CE MSE C 92 9.35 -23.85 17.77
N GLY C 93 9.81 -25.41 12.60
CA GLY C 93 9.18 -26.66 12.24
C GLY C 93 9.56 -27.27 10.94
N PHE C 94 10.18 -26.48 10.08
CA PHE C 94 10.59 -26.97 8.78
C PHE C 94 11.91 -26.34 8.31
N ARG C 95 12.38 -25.28 8.98
CA ARG C 95 13.70 -24.68 8.66
C ARG C 95 14.77 -25.82 8.40
N ASP C 96 14.81 -26.85 9.29
CA ASP C 96 15.76 -28.03 9.30
C ASP C 96 16.14 -28.56 7.93
N VAL C 97 15.09 -28.81 7.18
CA VAL C 97 15.13 -29.32 5.83
C VAL C 97 15.44 -28.18 4.84
N LEU C 98 16.59 -27.52 5.00
CA LEU C 98 16.90 -26.37 4.16
C LEU C 98 18.33 -26.15 3.69
N GLY C 99 19.18 -25.72 4.62
CA GLY C 99 20.57 -25.44 4.30
C GLY C 99 20.75 -24.00 3.85
N PHE C 104 21.31 -20.75 -1.49
CA PHE C 104 20.10 -20.02 -1.86
C PHE C 104 20.41 -18.71 -2.59
N GLN C 105 20.53 -18.78 -3.91
CA GLN C 105 20.82 -17.62 -4.75
C GLN C 105 19.90 -17.61 -5.99
N SER C 106 19.57 -16.42 -6.48
CA SER C 106 18.67 -16.29 -7.63
C SER C 106 19.36 -15.74 -8.88
N LEU C 107 19.37 -16.52 -9.95
CA LEU C 107 19.98 -16.10 -11.20
C LEU C 107 19.20 -14.95 -11.83
N GLN C 108 17.91 -14.85 -11.52
CA GLN C 108 17.09 -13.78 -12.06
C GLN C 108 17.43 -12.46 -11.37
N TYR C 109 17.64 -12.53 -10.06
CA TYR C 109 17.98 -11.35 -9.29
C TYR C 109 19.30 -10.77 -9.74
N ARG C 110 20.28 -11.64 -9.95
CA ARG C 110 21.60 -11.20 -10.36
C ARG C 110 21.51 -10.58 -11.74
N TYR C 111 20.66 -11.15 -12.58
CA TYR C 111 20.44 -10.65 -13.92
C TYR C 111 19.97 -9.20 -13.81
N ILE C 112 18.97 -8.97 -12.95
CA ILE C 112 18.43 -7.63 -12.72
C ILE C 112 19.49 -6.67 -12.17
N GLU C 113 20.37 -7.17 -11.31
CA GLU C 113 21.40 -6.31 -10.76
C GLU C 113 22.45 -5.99 -11.82
N PHE C 114 22.71 -6.95 -12.70
CA PHE C 114 23.67 -6.73 -13.79
C PHE C 114 23.08 -5.68 -14.72
N LEU C 115 21.80 -5.81 -15.03
CA LEU C 115 21.12 -4.87 -15.91
C LEU C 115 21.22 -3.41 -15.45
N LEU C 116 21.16 -3.20 -14.15
CA LEU C 116 21.20 -1.86 -13.61
C LEU C 116 22.63 -1.35 -13.46
N GLY C 117 23.61 -2.19 -13.78
CA GLY C 117 25.00 -1.76 -13.69
C GLY C 117 25.88 -2.33 -12.60
N ASN C 118 25.28 -2.98 -11.61
CA ASN C 118 26.07 -3.57 -10.53
C ASN C 118 26.63 -4.90 -11.00
N LYS C 119 27.66 -4.82 -11.84
CA LYS C 119 28.32 -5.99 -12.42
C LYS C 119 29.44 -6.53 -11.53
N ASN C 120 29.66 -7.85 -11.58
CA ASN C 120 30.70 -8.52 -10.79
C ASN C 120 31.10 -9.79 -11.53
N PRO C 121 32.16 -9.72 -12.38
CA PRO C 121 32.66 -10.85 -13.17
C PRO C 121 32.80 -12.17 -12.43
N GLN C 122 32.97 -12.08 -11.11
CA GLN C 122 33.10 -13.26 -10.25
C GLN C 122 31.77 -14.01 -10.16
N MSE C 123 30.68 -13.31 -10.43
CA MSE C 123 29.35 -13.90 -10.35
C MSE C 123 29.05 -14.91 -11.46
O MSE C 123 28.16 -15.72 -11.32
CB MSE C 123 28.28 -12.81 -10.33
CG MSE C 123 27.07 -13.16 -9.47
SE MSE C 123 27.48 -13.21 -7.57
CE MSE C 123 27.66 -11.31 -7.26
N LEU C 124 29.79 -14.82 -12.56
CA LEU C 124 29.57 -15.77 -13.65
C LEU C 124 29.81 -17.19 -13.17
N GLN C 125 30.85 -17.41 -12.36
CA GLN C 125 31.11 -18.73 -11.80
C GLN C 125 29.94 -18.93 -10.85
N VAL C 126 29.79 -20.14 -10.32
CA VAL C 126 28.71 -20.45 -9.41
C VAL C 126 27.41 -20.53 -10.21
N PHE C 127 27.48 -20.17 -11.48
CA PHE C 127 26.33 -20.20 -12.35
C PHE C 127 26.61 -20.85 -13.66
N ALA C 128 27.75 -21.47 -13.85
CA ALA C 128 27.96 -22.06 -15.17
C ALA C 128 27.38 -23.43 -15.16
N TYR C 129 26.61 -23.56 -14.08
CA TYR C 129 25.82 -24.70 -13.86
C TYR C 129 24.59 -24.66 -14.64
N ASP C 130 24.39 -23.55 -15.33
CA ASP C 130 23.31 -23.41 -16.25
C ASP C 130 23.97 -22.68 -17.45
N PRO C 131 24.81 -23.32 -18.17
CA PRO C 131 25.29 -22.44 -19.25
C PRO C 131 24.38 -21.53 -20.04
N ALA C 132 23.17 -21.97 -20.33
CA ALA C 132 22.31 -21.21 -21.24
C ALA C 132 22.00 -19.92 -20.51
N GLY C 133 21.68 -20.04 -19.22
CA GLY C 133 21.38 -18.87 -18.40
C GLY C 133 22.61 -18.02 -18.13
N GLN C 134 23.73 -18.69 -17.86
CA GLN C 134 24.99 -18.00 -17.62
C GLN C 134 25.37 -17.24 -18.88
N ALA C 135 24.90 -17.72 -20.03
CA ALA C 135 25.18 -17.06 -21.29
C ALA C 135 24.38 -15.77 -21.34
N ARG C 136 23.12 -15.85 -20.93
CA ARG C 136 22.26 -14.66 -20.91
C ARG C 136 22.88 -13.69 -19.93
N LEU C 137 23.40 -14.23 -18.83
CA LEU C 137 24.02 -13.41 -17.79
C LEU C 137 25.30 -12.74 -18.31
N ARG C 138 26.08 -13.49 -19.10
CA ARG C 138 27.30 -12.94 -19.66
C ARG C 138 27.02 -11.86 -20.68
N GLU C 139 25.98 -12.06 -21.49
CA GLU C 139 25.63 -11.08 -22.49
C GLU C 139 25.46 -9.72 -21.86
N VAL C 140 24.74 -9.67 -20.74
CA VAL C 140 24.50 -8.40 -20.04
C VAL C 140 25.79 -7.86 -19.45
N LEU C 141 26.61 -8.73 -18.87
CA LEU C 141 27.87 -8.31 -18.26
C LEU C 141 28.76 -7.59 -19.27
N GLU C 142 28.69 -8.01 -20.52
CA GLU C 142 29.53 -7.42 -21.57
C GLU C 142 28.99 -6.19 -22.28
N ALA C 143 27.71 -5.89 -22.08
CA ALA C 143 27.07 -4.73 -22.71
C ALA C 143 26.81 -3.61 -21.70
N PRO C 144 26.66 -2.38 -22.19
CA PRO C 144 26.40 -1.25 -21.31
C PRO C 144 25.17 -1.50 -20.42
N SER C 145 25.07 -0.78 -19.32
CA SER C 145 23.93 -0.93 -18.41
C SER C 145 22.81 0.04 -18.79
N LEU C 146 21.73 -0.02 -18.05
CA LEU C 146 20.60 0.87 -18.28
C LEU C 146 21.15 2.27 -18.09
N TYR C 147 21.87 2.47 -17.00
CA TYR C 147 22.46 3.78 -16.71
C TYR C 147 23.42 4.19 -17.84
N GLU C 148 24.29 3.28 -18.24
CA GLU C 148 25.23 3.61 -19.29
C GLU C 148 24.53 3.96 -20.61
N GLU C 149 23.48 3.24 -20.97
CA GLU C 149 22.77 3.58 -22.20
C GLU C 149 22.11 4.96 -22.03
N PHE C 150 21.63 5.28 -20.84
CA PHE C 150 21.03 6.58 -20.62
C PHE C 150 22.09 7.62 -20.96
N LEU C 151 23.29 7.45 -20.39
CA LEU C 151 24.39 8.36 -20.66
C LEU C 151 24.74 8.41 -22.16
N ARG C 152 24.73 7.27 -22.81
CA ARG C 152 25.03 7.26 -24.23
C ARG C 152 23.91 8.01 -24.97
N TYR C 153 22.74 8.05 -24.34
CA TYR C 153 21.61 8.78 -24.90
C TYR C 153 21.88 10.30 -24.79
N LEU C 154 22.26 10.75 -23.60
CA LEU C 154 22.53 12.16 -23.40
C LEU C 154 23.54 12.73 -24.40
N ALA C 155 24.62 11.96 -24.66
CA ALA C 155 25.68 12.38 -25.58
C ALA C 155 25.19 12.56 -27.02
N ARG C 156 24.19 11.76 -27.36
CA ARG C 156 23.60 11.79 -28.67
C ARG C 156 22.77 13.08 -28.83
N PHE C 157 22.65 13.88 -27.78
CA PHE C 157 21.87 15.12 -27.87
C PHE C 157 22.43 16.42 -27.30
N GLY C 158 23.75 16.60 -27.37
CA GLY C 158 24.40 17.82 -26.93
C GLY C 158 24.89 17.99 -25.52
N HIS C 159 24.81 16.95 -24.70
CA HIS C 159 25.26 17.04 -23.30
C HIS C 159 26.72 16.56 -23.16
N ALA C 160 27.52 17.34 -22.44
CA ALA C 160 28.92 17.02 -22.27
C ALA C 160 29.16 15.70 -21.55
N ILE C 161 29.14 14.61 -22.29
CA ILE C 161 29.37 13.29 -21.70
C ILE C 161 30.78 12.84 -22.10
N PRO C 162 31.64 12.56 -21.12
CA PRO C 162 33.03 12.12 -21.37
C PRO C 162 33.13 11.07 -22.48
N GLN C 163 34.07 11.25 -23.38
CA GLN C 163 34.27 10.34 -24.51
C GLN C 163 34.37 8.84 -24.17
N GLN C 164 35.02 8.51 -23.05
CA GLN C 164 35.18 7.12 -22.67
C GLN C 164 33.89 6.30 -22.64
N TYR C 165 32.74 6.98 -22.67
CA TYR C 165 31.47 6.27 -22.63
C TYR C 165 31.01 5.78 -24.01
N GLN C 166 31.68 6.22 -25.06
CA GLN C 166 31.34 5.76 -26.40
C GLN C 166 31.76 4.30 -26.47
N ALA C 167 32.90 4.00 -25.86
CA ALA C 167 33.42 2.62 -25.85
C ALA C 167 34.53 2.40 -24.83
N ARG C 168 34.32 1.39 -23.99
CA ARG C 168 35.27 1.00 -22.95
C ARG C 168 34.95 -0.46 -22.59
N ASP C 169 35.55 -0.96 -21.52
CA ASP C 169 35.29 -2.34 -21.10
C ASP C 169 34.10 -2.34 -20.15
N TRP C 170 32.92 -2.64 -20.68
CA TRP C 170 31.69 -2.63 -19.89
C TRP C 170 31.61 -3.62 -18.73
N THR C 171 32.51 -4.60 -18.68
CA THR C 171 32.48 -5.60 -17.63
C THR C 171 32.85 -5.09 -16.23
N ALA C 172 33.31 -3.86 -16.16
CA ALA C 172 33.68 -3.30 -14.86
C ALA C 172 32.55 -2.40 -14.38
N ALA C 173 32.12 -2.60 -13.14
CA ALA C 173 31.05 -1.79 -12.58
C ALA C 173 31.42 -0.33 -12.65
N HIS C 174 30.54 0.46 -13.26
CA HIS C 174 30.76 1.89 -13.39
C HIS C 174 31.32 2.52 -12.11
N VAL C 175 32.22 3.48 -12.28
CA VAL C 175 32.82 4.18 -11.15
C VAL C 175 32.30 5.62 -11.10
N ALA C 176 31.99 6.12 -9.90
CA ALA C 176 31.48 7.49 -9.77
C ALA C 176 32.34 8.45 -10.60
N ASP C 177 31.70 9.33 -11.36
CA ASP C 177 32.42 10.27 -12.20
C ASP C 177 32.11 11.73 -11.87
N ASP C 178 33.13 12.49 -11.50
CA ASP C 178 32.98 13.90 -11.14
C ASP C 178 32.61 14.77 -12.33
N THR C 179 33.17 14.44 -13.49
CA THR C 179 32.90 15.22 -14.70
C THR C 179 31.44 15.16 -15.13
N LEU C 180 30.67 14.28 -14.51
CA LEU C 180 29.26 14.13 -14.84
C LEU C 180 28.37 15.11 -14.06
N ARG C 181 28.87 15.62 -12.95
CA ARG C 181 28.13 16.54 -12.12
C ARG C 181 27.55 17.73 -12.89
N PRO C 182 28.39 18.49 -13.60
CA PRO C 182 27.89 19.64 -14.36
C PRO C 182 26.83 19.29 -15.42
N VAL C 183 26.91 18.09 -15.97
CA VAL C 183 25.94 17.66 -16.97
C VAL C 183 24.55 17.64 -16.31
N PHE C 184 24.48 17.01 -15.13
CA PHE C 184 23.23 16.92 -14.39
C PHE C 184 22.85 18.21 -13.68
N GLU C 185 23.80 19.13 -13.58
CA GLU C 185 23.52 20.40 -12.97
C GLU C 185 22.71 21.20 -13.97
N ARG C 186 23.18 21.23 -15.22
CA ARG C 186 22.53 21.99 -16.27
C ARG C 186 21.10 21.53 -16.52
N ILE C 187 20.89 20.22 -16.55
CA ILE C 187 19.56 19.68 -16.77
C ILE C 187 18.56 20.21 -15.73
N TYR C 188 18.85 20.02 -14.45
CA TYR C 188 17.96 20.47 -13.39
C TYR C 188 17.71 21.97 -13.28
N GLU C 189 18.69 22.76 -13.70
CA GLU C 189 18.53 24.21 -13.61
C GLU C 189 17.63 24.75 -14.78
N ASN C 190 17.80 24.22 -16.01
CA ASN C 190 16.96 24.58 -17.19
C ASN C 190 15.80 23.49 -17.52
N THR C 191 14.83 23.15 -16.59
CA THR C 191 13.74 22.10 -16.79
C THR C 191 12.81 22.30 -18.00
N ASP C 192 12.62 23.56 -18.38
CA ASP C 192 11.80 23.88 -19.54
C ASP C 192 12.44 23.37 -20.82
N ARG C 193 13.75 23.49 -20.86
CA ARG C 193 14.49 23.09 -22.00
C ARG C 193 14.81 21.58 -22.02
N TYR C 194 15.23 21.04 -20.89
CA TYR C 194 15.57 19.61 -20.82
C TYR C 194 14.52 18.71 -20.17
N TRP C 195 13.24 18.99 -20.42
CA TRP C 195 12.19 18.19 -19.82
C TRP C 195 12.27 16.69 -20.10
N ARG C 196 12.73 16.28 -21.29
CA ARG C 196 12.82 14.85 -21.54
C ARG C 196 13.87 14.22 -20.64
N GLU C 197 15.07 14.81 -20.64
CA GLU C 197 16.17 14.32 -19.80
C GLU C 197 15.76 14.35 -18.32
N TYR C 198 15.21 15.49 -17.88
CA TYR C 198 14.73 15.69 -16.51
C TYR C 198 13.77 14.59 -16.04
N SER C 199 12.82 14.22 -16.92
CA SER C 199 11.86 13.18 -16.60
C SER C 199 12.55 11.83 -16.44
N LEU C 200 13.54 11.56 -17.29
CA LEU C 200 14.26 10.32 -17.23
C LEU C 200 15.16 10.24 -15.99
N CYS C 201 15.72 11.37 -15.58
CA CYS C 201 16.57 11.36 -14.41
C CYS C 201 15.72 10.96 -13.21
N GLU C 202 14.56 11.57 -13.10
CA GLU C 202 13.66 11.26 -12.00
C GLU C 202 13.15 9.81 -12.06
N ASP C 203 12.85 9.30 -13.25
CA ASP C 203 12.38 7.90 -13.34
C ASP C 203 13.49 6.99 -12.80
N LEU C 204 14.74 7.30 -13.11
CA LEU C 204 15.84 6.46 -12.64
C LEU C 204 16.02 6.53 -11.13
N VAL C 205 15.81 7.70 -10.53
CA VAL C 205 15.92 7.79 -9.08
C VAL C 205 14.78 6.94 -8.48
N ASP C 206 13.60 7.01 -9.07
CA ASP C 206 12.49 6.20 -8.56
C ASP C 206 12.87 4.73 -8.55
N VAL C 207 13.33 4.23 -9.70
CA VAL C 207 13.74 2.84 -9.86
C VAL C 207 14.79 2.43 -8.84
N GLU C 208 15.83 3.23 -8.67
CA GLU C 208 16.86 2.90 -7.70
C GLU C 208 16.35 3.01 -6.28
N THR C 209 15.42 3.94 -6.04
CA THR C 209 14.86 4.10 -4.71
C THR C 209 13.88 3.00 -4.34
N GLN C 210 12.97 2.65 -5.24
CA GLN C 210 12.00 1.60 -4.95
C GLN C 210 12.78 0.32 -4.71
N PHE C 211 13.88 0.18 -5.45
CA PHE C 211 14.73 -0.99 -5.32
C PHE C 211 15.44 -1.08 -3.96
N GLN C 212 15.84 0.07 -3.42
CA GLN C 212 16.50 0.10 -2.12
C GLN C 212 15.51 -0.36 -1.03
N LEU C 213 14.31 0.21 -1.09
CA LEU C 213 13.28 -0.13 -0.13
C LEU C 213 13.04 -1.63 -0.10
N TRP C 214 13.03 -2.24 -1.28
CA TRP C 214 12.82 -3.67 -1.42
C TRP C 214 13.91 -4.44 -0.69
N ARG C 215 15.16 -4.01 -0.87
CA ARG C 215 16.28 -4.68 -0.21
C ARG C 215 16.26 -4.49 1.30
N PHE C 216 15.83 -3.31 1.75
CA PHE C 216 15.76 -3.03 3.18
C PHE C 216 14.69 -3.89 3.84
N ARG C 217 13.52 -3.92 3.22
CA ARG C 217 12.40 -4.71 3.72
C ARG C 217 12.88 -6.16 3.82
N HIS C 218 13.53 -6.64 2.76
CA HIS C 218 14.02 -7.99 2.75
C HIS C 218 14.88 -8.31 3.96
N MSE C 219 15.74 -7.38 4.33
CA MSE C 219 16.61 -7.61 5.47
C MSE C 219 15.88 -7.58 6.83
O MSE C 219 16.28 -8.28 7.75
CB MSE C 219 17.76 -6.62 5.42
CG MSE C 219 18.78 -6.85 6.50
SE MSE C 219 18.73 -5.40 7.73
CE MSE C 219 20.34 -4.65 7.11
N ARG C 220 14.81 -6.79 6.96
CA ARG C 220 14.08 -6.75 8.23
C ARG C 220 13.30 -8.04 8.46
N THR C 221 12.82 -8.63 7.38
CA THR C 221 12.09 -9.87 7.47
C THR C 221 13.05 -10.99 7.86
N VAL C 222 14.26 -10.96 7.31
CA VAL C 222 15.25 -11.98 7.63
C VAL C 222 15.59 -11.88 9.11
N MSE C 223 15.60 -10.66 9.64
CA MSE C 223 15.88 -10.44 11.06
C MSE C 223 14.78 -11.01 11.96
O MSE C 223 15.07 -11.73 12.92
CB MSE C 223 16.02 -8.95 11.37
CG MSE C 223 17.41 -8.34 11.14
SE MSE C 223 17.48 -6.46 11.68
CE MSE C 223 17.19 -6.72 13.59
N ARG C 224 13.53 -10.69 11.66
CA ARG C 224 12.45 -11.18 12.51
C ARG C 224 12.17 -12.66 12.44
N VAL C 225 12.63 -13.33 11.38
CA VAL C 225 12.42 -14.77 11.22
C VAL C 225 13.62 -15.63 11.60
N ILE C 226 14.80 -15.24 11.12
CA ILE C 226 16.03 -15.99 11.38
C ILE C 226 17.02 -15.26 12.29
N GLY C 227 16.93 -13.93 12.33
CA GLY C 227 17.84 -13.13 13.15
C GLY C 227 19.28 -13.13 12.64
N PHE C 228 20.18 -12.61 13.47
CA PHE C 228 21.60 -12.52 13.16
C PHE C 228 22.18 -13.89 12.87
N ALA C 244 22.15 -4.54 5.01
CA ALA C 244 21.73 -3.15 4.82
C ALA C 244 22.87 -2.46 4.16
N LEU C 245 23.04 -2.78 2.90
CA LEU C 245 24.09 -2.08 2.29
C LEU C 245 23.67 -0.84 1.63
N ALA C 246 24.77 -0.18 1.42
CA ALA C 246 24.96 1.11 0.88
C ALA C 246 25.49 1.09 -0.55
N LEU C 247 25.11 0.12 -1.36
CA LEU C 247 25.57 0.13 -2.75
C LEU C 247 24.66 1.09 -3.49
N THR C 248 25.14 1.66 -4.60
CA THR C 248 24.34 2.59 -5.39
C THR C 248 24.44 2.30 -6.88
N PHE C 249 23.36 2.55 -7.60
CA PHE C 249 23.34 2.29 -9.04
C PHE C 249 23.63 3.53 -9.86
N PHE C 250 23.11 4.68 -9.44
CA PHE C 250 23.30 5.94 -10.17
C PHE C 250 23.91 7.04 -9.28
N PRO C 251 25.19 6.89 -8.90
CA PRO C 251 25.93 7.83 -8.04
C PRO C 251 25.73 9.31 -8.32
N GLU C 252 26.14 9.75 -9.50
CA GLU C 252 26.03 11.15 -9.87
C GLU C 252 24.60 11.71 -9.81
N LEU C 253 23.59 10.90 -10.14
CA LEU C 253 22.22 11.41 -10.07
C LEU C 253 21.87 11.76 -8.64
N PHE C 254 22.39 10.97 -7.69
CA PHE C 254 22.15 11.23 -6.29
C PHE C 254 23.08 12.32 -5.74
N ASP C 255 24.34 12.30 -6.16
CA ASP C 255 25.30 13.29 -5.69
C ASP C 255 24.90 14.72 -6.04
N VAL C 256 24.48 14.92 -7.29
CA VAL C 256 24.12 16.23 -7.79
C VAL C 256 23.22 17.02 -6.82
N ARG C 257 22.41 16.33 -6.03
CA ARG C 257 21.53 17.01 -5.08
C ARG C 257 22.20 18.11 -4.27
N THR C 258 23.45 17.87 -3.87
CA THR C 258 24.20 18.82 -3.06
C THR C 258 24.75 20.05 -3.76
N SER C 259 24.70 20.06 -5.10
CA SER C 259 25.23 21.20 -5.84
C SER C 259 24.23 21.94 -6.74
N VAL C 260 23.07 21.34 -7.00
CA VAL C 260 22.07 21.99 -7.84
C VAL C 260 21.81 23.37 -7.22
N GLY C 261 21.81 24.42 -8.03
CA GLY C 261 21.62 25.76 -7.51
C GLY C 261 22.94 26.38 -7.10
N VAL C 262 23.91 26.35 -8.02
CA VAL C 262 25.26 26.88 -7.80
C VAL C 262 25.29 28.24 -7.09
N THR D 1 11.53 28.93 13.15
CA THR D 1 11.48 27.68 13.98
C THR D 1 10.54 26.64 13.38
N TYR D 2 10.67 25.39 13.82
CA TYR D 2 9.83 24.30 13.32
C TYR D 2 8.33 24.51 13.62
N GLY D 3 7.99 24.64 14.90
CA GLY D 3 6.60 24.83 15.30
C GLY D 3 6.03 26.19 14.90
N GLY D 4 6.91 27.11 14.52
CA GLY D 4 6.47 28.43 14.12
C GLY D 4 6.13 28.49 12.64
N TYR D 5 6.92 27.78 11.83
CA TYR D 5 6.72 27.72 10.39
C TYR D 5 5.43 27.02 10.05
N LEU D 6 5.22 25.88 10.69
CA LEU D 6 4.04 25.04 10.50
C LEU D 6 2.80 25.54 11.24
N ARG D 7 2.99 26.37 12.27
CA ARG D 7 1.90 26.91 13.07
C ARG D 7 1.29 25.78 13.89
N LEU D 8 2.14 24.95 14.48
CA LEU D 8 1.67 23.81 15.25
C LEU D 8 0.79 24.12 16.44
N ASP D 9 1.00 25.29 17.04
CA ASP D 9 0.17 25.65 18.19
C ASP D 9 -1.30 25.72 17.76
N GLN D 10 -1.54 26.19 16.54
CA GLN D 10 -2.89 26.30 16.00
C GLN D 10 -3.32 24.94 15.46
N LEU D 11 -2.42 24.26 14.76
CA LEU D 11 -2.71 22.95 14.20
C LEU D 11 -3.08 21.94 15.27
N LEU D 12 -2.30 21.91 16.34
CA LEU D 12 -2.54 20.95 17.42
C LEU D 12 -3.45 21.42 18.57
N SER D 13 -4.30 22.40 18.29
CA SER D 13 -5.26 22.91 19.26
C SER D 13 -6.60 22.90 18.51
N ALA D 14 -6.61 22.19 17.40
CA ALA D 14 -7.80 22.08 16.54
C ALA D 14 -8.53 20.77 16.75
N GLN D 15 -8.30 20.12 17.88
CA GLN D 15 -8.96 18.86 18.21
C GLN D 15 -9.81 19.10 19.46
N GLN D 16 -11.12 19.24 19.27
CA GLN D 16 -12.01 19.50 20.39
C GLN D 16 -13.02 18.37 20.69
N PRO D 17 -12.63 17.32 21.48
CA PRO D 17 -13.62 16.30 21.79
C PRO D 17 -14.83 16.84 22.42
N LEU D 18 -15.93 16.12 22.30
CA LEU D 18 -17.12 16.60 22.94
C LEU D 18 -17.74 15.66 23.99
N SER D 19 -17.19 14.45 24.13
CA SER D 19 -17.64 13.45 25.10
C SER D 19 -17.59 13.90 26.56
N GLU D 20 -18.60 13.53 27.34
CA GLU D 20 -18.54 13.84 28.75
C GLU D 20 -19.15 12.78 29.38
N PRO D 21 -18.19 12.10 29.84
CA PRO D 21 -16.79 11.79 29.96
C PRO D 21 -16.04 11.75 28.68
N ALA D 22 -14.76 12.11 28.65
CA ALA D 22 -14.07 12.05 27.36
C ALA D 22 -13.94 10.61 26.87
N HIS D 23 -14.28 10.34 25.59
CA HIS D 23 -14.22 8.98 25.03
C HIS D 23 -12.90 8.68 24.26
N HIS D 24 -12.25 7.57 24.60
CA HIS D 24 -10.98 7.20 23.98
C HIS D 24 -10.92 7.27 22.46
N ASP D 25 -11.93 6.71 21.80
CA ASP D 25 -11.95 6.67 20.34
C ASP D 25 -12.44 7.91 19.59
N GLU D 26 -12.83 8.95 20.31
CA GLU D 26 -13.26 10.16 19.64
C GLU D 26 -12.08 10.78 18.90
N MSE D 27 -10.89 10.69 19.48
CA MSE D 27 -9.68 11.27 18.88
C MSE D 27 -9.43 10.73 17.47
O MSE D 27 -9.22 11.51 16.52
CB MSE D 27 -8.48 11.00 19.79
CG MSE D 27 -7.20 11.77 19.46
SE MSE D 27 -7.31 13.73 19.39
CE MSE D 27 -7.71 14.08 21.26
N LEU D 28 -9.44 9.41 17.34
CA LEU D 28 -9.22 8.79 16.04
C LEU D 28 -10.25 9.34 15.07
N PHE D 29 -11.49 9.46 15.51
CA PHE D 29 -12.54 9.97 14.66
C PHE D 29 -12.15 11.35 14.09
N ILE D 30 -11.70 12.24 14.97
CA ILE D 30 -11.32 13.59 14.56
C ILE D 30 -10.08 13.63 13.66
N ILE D 31 -8.92 13.19 14.15
CA ILE D 31 -7.72 13.24 13.32
C ILE D 31 -7.85 12.51 11.98
N GLN D 32 -8.73 11.52 11.92
CA GLN D 32 -8.95 10.79 10.68
C GLN D 32 -9.51 11.73 9.62
N HIS D 33 -10.53 12.50 9.99
CA HIS D 33 -11.14 13.41 9.02
C HIS D 33 -10.35 14.68 8.77
N GLN D 34 -9.52 15.10 9.72
CA GLN D 34 -8.72 16.32 9.57
C GLN D 34 -7.54 16.10 8.62
N THR D 35 -6.89 14.94 8.75
CA THR D 35 -5.76 14.63 7.88
C THR D 35 -6.30 14.46 6.46
N SER D 36 -7.47 13.86 6.37
CA SER D 36 -8.09 13.63 5.08
C SER D 36 -8.37 15.00 4.46
N GLU D 37 -8.92 15.89 5.28
CA GLU D 37 -9.25 17.23 4.85
C GLU D 37 -8.01 18.01 4.38
N LEU D 38 -6.87 17.84 5.07
CA LEU D 38 -5.63 18.52 4.67
C LEU D 38 -5.18 18.05 3.27
N TRP D 39 -5.24 16.74 3.03
CA TRP D 39 -4.84 16.22 1.73
C TRP D 39 -5.74 16.81 0.65
N LEU D 40 -7.04 16.91 0.93
CA LEU D 40 -7.93 17.48 -0.07
C LEU D 40 -7.48 18.90 -0.43
N LYS D 41 -6.96 19.61 0.56
CA LYS D 41 -6.49 20.96 0.29
C LYS D 41 -5.30 20.92 -0.66
N LEU D 42 -4.44 19.93 -0.52
CA LEU D 42 -3.30 19.85 -1.42
C LEU D 42 -3.79 19.37 -2.79
N LEU D 43 -4.79 18.50 -2.78
CA LEU D 43 -5.35 17.96 -4.01
C LEU D 43 -5.93 19.04 -4.92
N ALA D 44 -6.61 20.02 -4.33
CA ALA D 44 -7.20 21.10 -5.12
C ALA D 44 -6.09 21.93 -5.73
N HIS D 45 -5.17 22.36 -4.87
CA HIS D 45 -4.00 23.16 -5.23
C HIS D 45 -3.29 22.60 -6.48
N GLU D 46 -3.14 21.28 -6.54
CA GLU D 46 -2.47 20.68 -7.69
C GLU D 46 -3.40 20.68 -8.91
N LEU D 47 -4.66 20.32 -8.69
CA LEU D 47 -5.63 20.25 -9.77
C LEU D 47 -5.80 21.58 -10.50
N ARG D 48 -5.84 22.66 -9.75
CA ARG D 48 -6.01 23.98 -10.35
C ARG D 48 -4.84 24.27 -11.28
N ALA D 49 -3.67 23.78 -10.90
CA ALA D 49 -2.46 23.98 -11.68
C ALA D 49 -2.54 23.15 -12.96
N ALA D 50 -3.06 21.93 -12.82
CA ALA D 50 -3.19 21.02 -13.95
C ALA D 50 -4.06 21.69 -15.01
N ILE D 51 -5.05 22.45 -14.56
CA ILE D 51 -5.93 23.13 -15.48
C ILE D 51 -5.18 24.25 -16.20
N VAL D 52 -4.52 25.12 -15.43
CA VAL D 52 -3.79 26.22 -16.03
C VAL D 52 -2.74 25.71 -17.02
N HIS D 53 -2.01 24.66 -16.66
CA HIS D 53 -1.00 24.10 -17.57
C HIS D 53 -1.68 23.62 -18.84
N LEU D 54 -2.83 22.95 -18.67
CA LEU D 54 -3.60 22.46 -19.82
C LEU D 54 -4.02 23.63 -20.69
N GLN D 55 -4.28 24.76 -20.06
CA GLN D 55 -4.69 25.94 -20.81
C GLN D 55 -3.49 26.45 -21.61
N ARG D 56 -2.30 26.37 -21.02
CA ARG D 56 -1.08 26.85 -21.67
C ARG D 56 -0.44 25.83 -22.62
N ASP D 57 -1.13 24.71 -22.86
CA ASP D 57 -0.57 23.68 -23.74
C ASP D 57 0.73 23.07 -23.19
N GLU D 58 1.03 23.38 -21.93
CA GLU D 58 2.21 22.87 -21.26
C GLU D 58 1.94 21.43 -20.83
N VAL D 59 2.10 20.50 -21.75
CA VAL D 59 1.82 19.10 -21.48
C VAL D 59 2.61 18.39 -20.37
N TRP D 60 3.94 18.45 -20.41
CA TRP D 60 4.67 17.75 -19.37
C TRP D 60 4.40 18.34 -18.00
N GLN D 61 4.31 19.65 -17.95
CA GLN D 61 4.01 20.27 -16.69
C GLN D 61 2.65 19.89 -16.12
N CYS D 62 1.62 19.76 -16.97
CA CYS D 62 0.20 19.55 -16.52
C CYS D 62 0.03 18.17 -16.03
N ARG D 63 0.96 17.46 -16.60
CA ARG D 63 1.16 16.08 -16.43
C ARG D 63 1.93 15.85 -15.15
N LYS D 64 3.10 16.45 -14.94
CA LYS D 64 3.66 16.20 -13.61
C LYS D 64 2.57 16.45 -12.51
N VAL D 65 2.02 17.66 -12.33
CA VAL D 65 1.01 17.87 -11.26
C VAL D 65 -0.10 16.79 -11.15
N LEU D 66 -0.32 16.08 -12.25
CA LEU D 66 -1.31 15.01 -12.23
C LEU D 66 -0.72 13.78 -11.58
N ALA D 67 0.58 13.55 -11.78
CA ALA D 67 1.23 12.40 -11.14
C ALA D 67 1.20 12.58 -9.62
N ARG D 68 1.56 13.78 -9.15
CA ARG D 68 1.52 14.02 -7.71
C ARG D 68 0.06 13.88 -7.26
N SER D 69 -0.84 14.38 -8.09
CA SER D 69 -2.26 14.29 -7.80
C SER D 69 -2.71 12.83 -7.60
N LYS D 70 -2.20 11.92 -8.44
CA LYS D 70 -2.54 10.51 -8.32
C LYS D 70 -2.05 9.98 -6.97
N GLN D 71 -0.84 10.36 -6.57
CA GLN D 71 -0.26 9.94 -5.31
C GLN D 71 -1.10 10.39 -4.13
N VAL D 72 -1.63 11.60 -4.23
CA VAL D 72 -2.45 12.12 -3.15
C VAL D 72 -3.79 11.37 -3.07
N LEU D 73 -4.41 11.11 -4.22
CA LEU D 73 -5.66 10.36 -4.22
C LEU D 73 -5.44 8.97 -3.61
N ARG D 74 -4.27 8.39 -3.86
CA ARG D 74 -3.94 7.08 -3.32
C ARG D 74 -3.90 7.16 -1.79
N GLN D 75 -3.28 8.21 -1.24
CA GLN D 75 -3.22 8.39 0.20
C GLN D 75 -4.63 8.47 0.79
N LEU D 76 -5.51 9.22 0.14
CA LEU D 76 -6.88 9.36 0.63
C LEU D 76 -7.56 8.01 0.74
N THR D 77 -7.26 7.11 -0.21
CA THR D 77 -7.86 5.78 -0.23
C THR D 77 -7.22 4.86 0.84
N GLU D 78 -5.91 4.70 0.76
CA GLU D 78 -5.17 3.86 1.69
C GLU D 78 -5.48 4.22 3.15
N GLN D 79 -5.80 5.49 3.37
CA GLN D 79 -6.08 6.04 4.69
C GLN D 79 -7.27 5.50 5.50
N TRP D 80 -8.25 4.86 4.85
CA TRP D 80 -9.38 4.35 5.61
C TRP D 80 -8.99 3.17 6.48
N SER D 81 -7.85 2.58 6.16
CA SER D 81 -7.35 1.42 6.88
C SER D 81 -7.25 1.59 8.39
N VAL D 82 -7.13 2.84 8.85
CA VAL D 82 -7.02 3.07 10.28
C VAL D 82 -8.40 3.33 10.90
N LEU D 83 -9.33 3.85 10.12
CA LEU D 83 -10.68 4.12 10.63
C LEU D 83 -11.47 2.82 10.74
N GLU D 84 -11.02 1.80 10.01
CA GLU D 84 -11.69 0.51 10.06
C GLU D 84 -11.47 -0.16 11.40
N THR D 85 -10.55 0.38 12.19
CA THR D 85 -10.27 -0.17 13.51
C THR D 85 -11.28 0.39 14.50
N LEU D 86 -12.17 1.27 14.03
CA LEU D 86 -13.21 1.82 14.89
C LEU D 86 -14.36 0.82 14.85
N THR D 87 -14.83 0.34 16.00
CA THR D 87 -15.91 -0.63 16.04
C THR D 87 -17.23 -0.07 16.58
N PRO D 88 -18.35 -0.73 16.26
CA PRO D 88 -19.67 -0.28 16.73
C PRO D 88 -19.69 -0.07 18.24
N SER D 89 -18.98 -0.93 18.96
CA SER D 89 -18.90 -0.88 20.42
C SER D 89 -18.31 0.43 20.89
N GLU D 90 -17.21 0.82 20.24
CA GLU D 90 -16.48 2.04 20.53
C GLU D 90 -17.27 3.27 20.08
N TYR D 91 -17.85 3.20 18.88
CA TYR D 91 -18.60 4.30 18.31
C TYR D 91 -19.80 4.73 19.15
N MSE D 92 -20.46 3.77 19.81
CA MSE D 92 -21.61 4.10 20.65
C MSE D 92 -21.21 5.17 21.67
O MSE D 92 -21.97 6.07 21.97
CB MSE D 92 -22.07 2.90 21.46
CG MSE D 92 -22.64 1.74 20.73
SE MSE D 92 -22.75 0.37 22.10
CE MSE D 92 -23.98 1.24 23.31
N GLY D 93 -20.00 5.00 22.20
CA GLY D 93 -19.45 5.89 23.22
C GLY D 93 -19.52 7.38 22.97
N PHE D 94 -19.49 7.78 21.71
CA PHE D 94 -19.56 9.20 21.38
C PHE D 94 -20.50 9.51 20.21
N ARG D 95 -21.17 8.48 19.70
CA ARG D 95 -22.12 8.61 18.58
C ARG D 95 -22.87 9.94 18.53
N ASP D 96 -23.24 10.45 19.69
CA ASP D 96 -24.00 11.70 19.76
C ASP D 96 -23.24 12.94 19.31
N VAL D 97 -23.08 13.06 17.99
CA VAL D 97 -22.40 14.16 17.35
C VAL D 97 -23.37 14.89 16.40
N LEU D 98 -23.83 14.22 15.35
CA LEU D 98 -24.76 14.81 14.38
C LEU D 98 -25.11 13.85 13.23
N GLY D 99 -26.19 14.15 12.51
CA GLY D 99 -26.61 13.30 11.40
C GLY D 99 -25.83 13.56 10.14
N PHE D 104 -23.06 16.97 7.74
CA PHE D 104 -22.11 15.86 7.76
C PHE D 104 -21.49 15.67 6.37
N GLN D 105 -21.12 16.78 5.72
CA GLN D 105 -20.53 16.74 4.38
C GLN D 105 -19.34 17.70 4.23
N SER D 106 -18.46 17.43 3.27
CA SER D 106 -17.26 18.24 3.04
C SER D 106 -17.31 19.23 1.88
N LEU D 107 -17.21 20.52 2.21
CA LEU D 107 -17.21 21.58 1.22
C LEU D 107 -16.06 21.34 0.24
N GLN D 108 -14.90 20.96 0.76
CA GLN D 108 -13.75 20.69 -0.09
C GLN D 108 -13.99 19.46 -0.99
N TYR D 109 -14.62 18.43 -0.44
CA TYR D 109 -14.90 17.24 -1.21
C TYR D 109 -15.69 17.60 -2.47
N ARG D 110 -16.69 18.46 -2.29
CA ARG D 110 -17.53 18.90 -3.40
C ARG D 110 -16.76 19.79 -4.36
N TYR D 111 -15.84 20.58 -3.83
CA TYR D 111 -15.06 21.47 -4.66
C TYR D 111 -14.31 20.65 -5.70
N ILE D 112 -13.83 19.49 -5.29
CA ILE D 112 -13.08 18.62 -6.19
C ILE D 112 -13.94 17.80 -7.17
N GLU D 113 -15.20 17.57 -6.81
CA GLU D 113 -16.09 16.82 -7.71
C GLU D 113 -16.44 17.80 -8.82
N PHE D 114 -16.58 19.06 -8.46
CA PHE D 114 -16.88 20.11 -9.40
C PHE D 114 -15.75 20.27 -10.41
N LEU D 115 -14.53 20.36 -9.91
CA LEU D 115 -13.34 20.51 -10.77
C LEU D 115 -13.25 19.41 -11.80
N LEU D 116 -13.69 18.21 -11.42
CA LEU D 116 -13.63 17.08 -12.33
C LEU D 116 -14.86 17.08 -13.23
N GLY D 117 -15.75 18.03 -12.99
CA GLY D 117 -16.92 18.15 -13.84
C GLY D 117 -18.27 17.69 -13.35
N ASN D 118 -18.31 16.95 -12.25
CA ASN D 118 -19.59 16.47 -11.73
C ASN D 118 -20.28 17.64 -11.04
N LYS D 119 -20.63 18.64 -11.83
CA LYS D 119 -21.27 19.85 -11.33
C LYS D 119 -22.73 19.69 -10.90
N ASN D 120 -23.14 20.50 -9.92
CA ASN D 120 -24.50 20.48 -9.38
C ASN D 120 -24.88 21.75 -8.58
N PRO D 121 -25.59 22.70 -9.21
CA PRO D 121 -26.03 23.93 -8.54
C PRO D 121 -26.85 23.76 -7.25
N GLN D 122 -27.64 22.71 -7.16
CA GLN D 122 -28.44 22.51 -5.94
C GLN D 122 -27.50 22.16 -4.80
N MSE D 123 -26.28 21.78 -5.16
CA MSE D 123 -25.28 21.40 -4.17
C MSE D 123 -24.66 22.63 -3.50
O MSE D 123 -23.92 22.51 -2.53
CB MSE D 123 -24.17 20.57 -4.83
CG MSE D 123 -23.26 19.87 -3.84
SE MSE D 123 -24.28 18.79 -2.62
CE MSE D 123 -24.68 17.29 -3.78
N LEU D 124 -24.96 23.80 -4.04
CA LEU D 124 -24.47 25.05 -3.47
C LEU D 124 -25.18 25.38 -2.16
N GLN D 125 -26.49 25.63 -2.24
CA GLN D 125 -27.31 26.00 -1.06
C GLN D 125 -27.37 24.89 -0.03
N VAL D 126 -26.23 24.58 0.58
CA VAL D 126 -26.12 23.47 1.56
C VAL D 126 -24.92 23.77 2.33
N PHE D 127 -24.22 24.75 1.81
CA PHE D 127 -23.11 25.29 2.56
C PHE D 127 -23.55 26.61 2.81
N ALA D 128 -24.84 26.66 3.04
CA ALA D 128 -25.41 27.91 3.31
C ALA D 128 -24.64 28.62 4.41
N TYR D 129 -23.38 28.38 4.72
CA TYR D 129 -23.05 29.20 5.88
C TYR D 129 -21.90 30.09 5.86
N ASP D 130 -20.81 29.66 5.29
CA ASP D 130 -19.84 30.67 5.15
C ASP D 130 -19.97 30.94 3.65
N PRO D 131 -20.65 32.04 3.27
CA PRO D 131 -20.73 32.30 1.86
C PRO D 131 -19.44 32.25 1.10
N ALA D 132 -18.40 32.82 1.70
CA ALA D 132 -17.08 32.84 1.09
C ALA D 132 -16.70 31.45 0.59
N GLY D 133 -17.12 30.43 1.33
CA GLY D 133 -16.84 29.06 0.96
C GLY D 133 -17.67 28.60 -0.22
N GLN D 134 -18.98 28.82 -0.16
CA GLN D 134 -19.84 28.41 -1.27
C GLN D 134 -19.49 29.29 -2.47
N ALA D 135 -18.80 30.39 -2.19
CA ALA D 135 -18.36 31.30 -3.24
C ALA D 135 -17.27 30.58 -4.03
N ARG D 136 -16.37 29.90 -3.31
CA ARG D 136 -15.29 29.16 -3.95
C ARG D 136 -15.87 28.09 -4.87
N LEU D 137 -17.03 27.55 -4.49
CA LEU D 137 -17.70 26.52 -5.28
C LEU D 137 -18.28 27.09 -6.55
N ARG D 138 -18.92 28.25 -6.45
CA ARG D 138 -19.52 28.86 -7.63
C ARG D 138 -18.47 29.26 -8.65
N GLU D 139 -17.39 29.89 -8.19
CA GLU D 139 -16.31 30.31 -9.07
C GLU D 139 -15.88 29.19 -10.01
N VAL D 140 -15.85 27.97 -9.48
CA VAL D 140 -15.47 26.81 -10.27
C VAL D 140 -16.67 26.22 -10.99
N LEU D 141 -17.85 26.33 -10.38
CA LEU D 141 -19.07 25.81 -10.97
C LEU D 141 -19.34 26.34 -12.36
N GLU D 142 -18.97 27.60 -12.60
CA GLU D 142 -19.20 28.21 -13.90
C GLU D 142 -17.97 28.16 -14.82
N ALA D 143 -16.92 27.47 -14.38
CA ALA D 143 -15.70 27.34 -15.17
C ALA D 143 -15.65 25.95 -15.78
N PRO D 144 -14.96 25.78 -16.93
CA PRO D 144 -14.86 24.48 -17.58
C PRO D 144 -14.20 23.48 -16.65
N SER D 145 -14.55 22.20 -16.79
CA SER D 145 -13.98 21.16 -15.95
C SER D 145 -12.58 20.76 -16.44
N LEU D 146 -11.87 20.00 -15.63
CA LEU D 146 -10.54 19.53 -15.99
C LEU D 146 -10.68 18.78 -17.32
N TYR D 147 -11.74 17.99 -17.44
CA TYR D 147 -11.99 17.22 -18.65
C TYR D 147 -12.27 18.14 -19.83
N GLU D 148 -13.03 19.21 -19.60
CA GLU D 148 -13.37 20.14 -20.66
C GLU D 148 -12.19 20.99 -21.13
N GLU D 149 -11.29 21.35 -20.23
CA GLU D 149 -10.12 22.12 -20.62
C GLU D 149 -9.21 21.16 -21.40
N PHE D 150 -9.41 19.86 -21.17
CA PHE D 150 -8.65 18.85 -21.91
C PHE D 150 -9.19 18.79 -23.32
N LEU D 151 -10.52 18.71 -23.45
CA LEU D 151 -11.16 18.67 -24.75
C LEU D 151 -10.77 19.89 -25.60
N ARG D 152 -10.57 21.03 -24.95
CA ARG D 152 -10.21 22.23 -25.69
C ARG D 152 -8.74 22.14 -26.09
N TYR D 153 -7.95 21.48 -25.26
CA TYR D 153 -6.54 21.29 -25.59
C TYR D 153 -6.52 20.51 -26.92
N LEU D 154 -7.32 19.45 -26.97
CA LEU D 154 -7.39 18.62 -28.16
C LEU D 154 -7.85 19.40 -29.39
N ALA D 155 -8.79 20.33 -29.20
CA ALA D 155 -9.28 21.12 -30.33
C ALA D 155 -8.16 21.95 -30.97
N ARG D 156 -7.29 22.52 -30.15
CA ARG D 156 -6.21 23.33 -30.67
C ARG D 156 -5.22 22.56 -31.53
N PHE D 157 -5.16 21.24 -31.39
CA PHE D 157 -4.21 20.50 -32.20
C PHE D 157 -4.76 19.66 -33.35
N GLY D 158 -5.94 20.04 -33.84
CA GLY D 158 -6.53 19.38 -34.97
C GLY D 158 -7.36 18.15 -34.75
N HIS D 159 -8.00 18.05 -33.58
CA HIS D 159 -8.83 16.90 -33.30
C HIS D 159 -10.28 17.29 -33.51
N ALA D 160 -11.00 16.40 -34.18
CA ALA D 160 -12.41 16.62 -34.47
C ALA D 160 -13.15 16.84 -33.17
N ILE D 161 -13.29 18.10 -32.78
CA ILE D 161 -13.98 18.43 -31.55
C ILE D 161 -15.20 19.31 -31.83
N PRO D 162 -16.36 18.94 -31.30
CA PRO D 162 -17.55 19.74 -31.53
C PRO D 162 -17.35 21.19 -31.08
N GLN D 163 -17.96 22.12 -31.80
CA GLN D 163 -17.87 23.54 -31.51
C GLN D 163 -18.30 23.96 -30.10
N GLN D 164 -19.39 23.37 -29.62
CA GLN D 164 -19.91 23.74 -28.30
C GLN D 164 -18.90 23.77 -27.16
N TYR D 165 -17.83 23.01 -27.27
CA TYR D 165 -16.82 23.00 -26.21
C TYR D 165 -16.01 24.30 -26.17
N GLN D 166 -16.16 25.10 -27.22
CA GLN D 166 -15.48 26.39 -27.34
C GLN D 166 -16.10 27.44 -26.42
N ALA D 167 -17.41 27.34 -26.22
CA ALA D 167 -18.14 28.25 -25.35
C ALA D 167 -19.55 27.72 -25.07
N ARG D 168 -19.91 27.65 -23.79
CA ARG D 168 -21.22 27.15 -23.40
C ARG D 168 -21.50 27.33 -21.91
N ASP D 169 -22.70 26.92 -21.47
CA ASP D 169 -23.09 27.03 -20.08
C ASP D 169 -22.36 25.95 -19.29
N TRP D 170 -21.20 26.33 -18.75
CA TRP D 170 -20.34 25.43 -17.97
C TRP D 170 -20.94 24.94 -16.67
N THR D 171 -22.05 25.55 -16.27
CA THR D 171 -22.72 25.17 -15.03
C THR D 171 -23.34 23.76 -15.13
N ALA D 172 -23.53 23.29 -16.35
CA ALA D 172 -24.13 21.98 -16.59
C ALA D 172 -23.11 20.84 -16.61
N ALA D 173 -23.47 19.73 -15.97
CA ALA D 173 -22.61 18.55 -15.92
C ALA D 173 -22.46 17.94 -17.31
N HIS D 174 -21.22 17.63 -17.69
CA HIS D 174 -20.94 17.04 -18.99
C HIS D 174 -21.87 15.87 -19.27
N VAL D 175 -22.23 15.71 -20.53
CA VAL D 175 -23.09 14.61 -20.96
C VAL D 175 -22.30 13.84 -22.02
N ALA D 176 -22.17 12.54 -21.83
CA ALA D 176 -21.43 11.66 -22.74
C ALA D 176 -21.72 11.97 -24.21
N ASP D 177 -20.69 12.39 -24.94
CA ASP D 177 -20.84 12.74 -26.35
C ASP D 177 -20.32 11.66 -27.32
N ASP D 178 -21.25 11.06 -28.04
CA ASP D 178 -20.94 10.00 -29.00
C ASP D 178 -20.02 10.41 -30.14
N THR D 179 -20.10 11.66 -30.57
CA THR D 179 -19.25 12.13 -31.67
C THR D 179 -17.78 12.26 -31.27
N LEU D 180 -17.50 12.00 -30.00
CA LEU D 180 -16.14 12.07 -29.45
C LEU D 180 -15.48 10.70 -29.66
N ARG D 181 -16.31 9.71 -29.94
CA ARG D 181 -15.85 8.35 -30.14
C ARG D 181 -14.76 8.18 -31.19
N PRO D 182 -15.01 8.65 -32.42
CA PRO D 182 -13.98 8.49 -33.46
C PRO D 182 -12.69 9.23 -33.14
N VAL D 183 -12.78 10.27 -32.32
CA VAL D 183 -11.62 11.06 -31.96
C VAL D 183 -10.66 10.23 -31.09
N PHE D 184 -11.20 9.65 -30.02
CA PHE D 184 -10.38 8.87 -29.14
C PHE D 184 -10.02 7.55 -29.81
N GLU D 185 -10.81 7.16 -30.80
CA GLU D 185 -10.53 5.93 -31.51
C GLU D 185 -9.21 6.11 -32.26
N ARG D 186 -9.04 7.27 -32.91
CA ARG D 186 -7.81 7.54 -33.67
C ARG D 186 -6.55 7.66 -32.82
N ILE D 187 -6.69 8.29 -31.66
CA ILE D 187 -5.56 8.46 -30.74
C ILE D 187 -5.06 7.11 -30.27
N TYR D 188 -5.96 6.27 -29.77
CA TYR D 188 -5.58 4.96 -29.28
C TYR D 188 -5.07 4.02 -30.38
N GLU D 189 -5.65 4.12 -31.57
CA GLU D 189 -5.28 3.27 -32.68
C GLU D 189 -3.99 3.69 -33.39
N ASN D 190 -3.41 4.81 -32.97
CA ASN D 190 -2.18 5.29 -33.58
C ASN D 190 -1.36 6.04 -32.51
N THR D 191 -0.99 5.33 -31.46
CA THR D 191 -0.26 5.91 -30.33
C THR D 191 1.08 6.59 -30.57
N ASP D 192 1.80 6.22 -31.61
CA ASP D 192 3.08 6.85 -31.83
C ASP D 192 2.92 8.31 -32.22
N ARG D 193 2.01 8.58 -33.15
CA ARG D 193 1.77 9.96 -33.59
C ARG D 193 1.18 10.80 -32.46
N TYR D 194 0.17 10.27 -31.78
CA TYR D 194 -0.50 10.98 -30.70
C TYR D 194 -0.04 10.59 -29.29
N TRP D 195 1.27 10.47 -29.09
CA TRP D 195 1.79 10.05 -27.79
C TRP D 195 1.43 10.94 -26.62
N ARG D 196 1.30 12.24 -26.86
CA ARG D 196 0.96 13.13 -25.77
C ARG D 196 -0.50 12.94 -25.38
N GLU D 197 -1.38 13.01 -26.38
CA GLU D 197 -2.81 12.82 -26.13
C GLU D 197 -3.05 11.44 -25.51
N TYR D 198 -2.32 10.45 -26.01
CA TYR D 198 -2.41 9.08 -25.52
C TYR D 198 -2.05 9.06 -24.03
N SER D 199 -1.01 9.80 -23.68
CA SER D 199 -0.56 9.87 -22.29
C SER D 199 -1.59 10.56 -21.41
N LEU D 200 -2.07 11.73 -21.82
CA LEU D 200 -3.07 12.47 -21.05
C LEU D 200 -4.36 11.68 -20.89
N CYS D 201 -4.69 10.88 -21.90
CA CYS D 201 -5.89 10.06 -21.81
C CYS D 201 -5.76 9.08 -20.67
N GLU D 202 -4.62 8.39 -20.66
CA GLU D 202 -4.36 7.40 -19.63
C GLU D 202 -4.25 8.03 -18.24
N ASP D 203 -3.69 9.23 -18.17
CA ASP D 203 -3.56 9.89 -16.88
C ASP D 203 -4.96 10.15 -16.31
N LEU D 204 -5.89 10.52 -17.19
CA LEU D 204 -7.25 10.79 -16.74
C LEU D 204 -7.95 9.52 -16.26
N VAL D 205 -7.72 8.41 -16.96
CA VAL D 205 -8.34 7.17 -16.54
C VAL D 205 -7.81 6.77 -15.16
N ASP D 206 -6.58 7.17 -14.83
CA ASP D 206 -6.00 6.88 -13.52
C ASP D 206 -6.71 7.71 -12.43
N VAL D 207 -6.83 9.01 -12.69
CA VAL D 207 -7.48 9.86 -11.72
C VAL D 207 -8.91 9.41 -11.44
N GLU D 208 -9.69 9.10 -12.47
CA GLU D 208 -11.06 8.66 -12.22
C GLU D 208 -11.10 7.35 -11.43
N THR D 209 -10.28 6.37 -11.84
CA THR D 209 -10.23 5.07 -11.16
C THR D 209 -9.82 5.19 -9.69
N GLN D 210 -8.74 5.91 -9.43
CA GLN D 210 -8.28 6.05 -8.06
C GLN D 210 -9.36 6.70 -7.22
N PHE D 211 -10.08 7.66 -7.81
CA PHE D 211 -11.16 8.35 -7.14
C PHE D 211 -12.31 7.37 -6.90
N GLN D 212 -12.53 6.47 -7.86
CA GLN D 212 -13.59 5.48 -7.70
C GLN D 212 -13.31 4.58 -6.52
N LEU D 213 -12.05 4.20 -6.35
CA LEU D 213 -11.65 3.33 -5.25
C LEU D 213 -11.83 4.08 -3.95
N TRP D 214 -11.44 5.35 -3.96
CA TRP D 214 -11.59 6.15 -2.76
C TRP D 214 -13.06 6.25 -2.34
N ARG D 215 -13.96 6.40 -3.32
CA ARG D 215 -15.38 6.47 -2.99
C ARG D 215 -15.91 5.12 -2.49
N PHE D 216 -15.56 4.04 -3.18
CA PHE D 216 -15.98 2.70 -2.79
C PHE D 216 -15.53 2.38 -1.37
N ARG D 217 -14.27 2.70 -1.08
CA ARG D 217 -13.68 2.48 0.23
C ARG D 217 -14.44 3.19 1.34
N HIS D 218 -14.70 4.46 1.12
CA HIS D 218 -15.41 5.29 2.07
C HIS D 218 -16.73 4.61 2.46
N MSE D 219 -17.49 4.22 1.44
CA MSE D 219 -18.77 3.58 1.66
C MSE D 219 -18.67 2.28 2.45
O MSE D 219 -19.51 2.02 3.31
CB MSE D 219 -19.43 3.32 0.31
CG MSE D 219 -20.81 2.71 0.40
SE MSE D 219 -20.78 0.85 -0.03
CE MSE D 219 -20.83 1.02 -1.97
N ARG D 220 -17.63 1.48 2.19
CA ARG D 220 -17.40 0.22 2.88
C ARG D 220 -17.08 0.41 4.37
N THR D 221 -16.40 1.50 4.70
CA THR D 221 -16.06 1.73 6.08
C THR D 221 -17.29 2.23 6.81
N VAL D 222 -18.11 2.97 6.08
CA VAL D 222 -19.36 3.48 6.65
C VAL D 222 -20.27 2.30 6.98
N MSE D 223 -20.22 1.29 6.12
CA MSE D 223 -21.03 0.10 6.30
C MSE D 223 -20.67 -0.65 7.56
O MSE D 223 -21.53 -1.13 8.27
CB MSE D 223 -20.84 -0.84 5.12
CG MSE D 223 -21.93 -0.79 4.07
SE MSE D 223 -21.68 -2.21 2.74
CE MSE D 223 -22.16 -3.72 3.86
N ARG D 224 -19.36 -0.74 7.84
CA ARG D 224 -18.93 -1.49 9.00
C ARG D 224 -18.98 -0.72 10.31
N VAL D 225 -19.20 0.58 10.25
CA VAL D 225 -19.27 1.38 11.46
C VAL D 225 -20.68 1.81 11.88
N ILE D 226 -21.39 2.51 10.99
CA ILE D 226 -22.74 3.00 11.30
C ILE D 226 -23.85 2.00 11.00
N GLY D 227 -24.03 1.67 9.72
CA GLY D 227 -25.08 0.75 9.35
C GLY D 227 -25.54 1.02 7.94
N PHE D 228 -26.56 0.30 7.48
CA PHE D 228 -27.08 0.48 6.11
C PHE D 228 -27.21 1.94 5.70
N ALA D 244 -24.78 6.83 -5.25
CA ALA D 244 -25.10 5.66 -6.06
C ALA D 244 -23.83 5.03 -6.63
N LEU D 245 -22.74 5.80 -6.62
CA LEU D 245 -21.44 5.35 -7.12
C LEU D 245 -21.50 4.85 -8.56
N ALA D 246 -22.35 5.48 -9.37
CA ALA D 246 -22.50 5.12 -10.77
C ALA D 246 -22.12 6.33 -11.60
N LEU D 247 -21.60 7.35 -10.93
CA LEU D 247 -21.15 8.57 -11.60
C LEU D 247 -19.90 8.23 -12.40
N THR D 248 -19.65 9.03 -13.42
CA THR D 248 -18.48 8.83 -14.27
C THR D 248 -18.06 10.19 -14.82
N PHE D 249 -16.83 10.59 -14.53
CA PHE D 249 -16.30 11.88 -14.95
C PHE D 249 -15.89 11.99 -16.41
N PHE D 250 -15.26 10.95 -16.93
CA PHE D 250 -14.77 10.96 -18.30
C PHE D 250 -15.35 9.77 -19.08
N PRO D 251 -16.66 9.81 -19.35
CA PRO D 251 -17.35 8.73 -20.07
C PRO D 251 -16.81 8.19 -21.39
N GLU D 252 -16.79 9.02 -22.44
CA GLU D 252 -16.31 8.53 -23.72
C GLU D 252 -14.87 8.00 -23.67
N LEU D 253 -14.11 8.41 -22.66
CA LEU D 253 -12.74 7.93 -22.50
C LEU D 253 -12.88 6.44 -22.16
N PHE D 254 -13.85 6.12 -21.29
CA PHE D 254 -14.09 4.73 -20.91
C PHE D 254 -14.90 3.99 -21.97
N ASP D 255 -15.73 4.71 -22.72
CA ASP D 255 -16.56 4.09 -23.75
C ASP D 255 -15.79 3.60 -24.97
N VAL D 256 -14.80 4.37 -25.41
CA VAL D 256 -14.01 4.01 -26.58
C VAL D 256 -13.36 2.65 -26.45
N ARG D 257 -13.10 2.20 -25.23
CA ARG D 257 -12.46 0.90 -25.01
C ARG D 257 -13.20 -0.23 -25.70
N THR D 258 -14.52 -0.06 -25.82
CA THR D 258 -15.35 -1.08 -26.43
C THR D 258 -15.42 -1.04 -27.96
N SER D 259 -14.83 -0.03 -28.59
CA SER D 259 -14.88 0.07 -30.04
C SER D 259 -13.54 0.16 -30.74
N VAL D 260 -12.48 0.47 -30.01
CA VAL D 260 -11.17 0.55 -30.62
C VAL D 260 -10.79 -0.86 -31.10
N GLY D 261 -11.08 -1.14 -32.37
CA GLY D 261 -10.77 -2.46 -32.90
C GLY D 261 -10.05 -2.36 -34.23
N VAL D 262 -8.79 -1.92 -34.17
CA VAL D 262 -7.93 -1.76 -35.34
C VAL D 262 -8.51 -0.72 -36.32
MG MG E . 2.17 27.11 7.74
MG MG F . 12.81 15.85 14.82
MG MG G . 1.39 -19.77 -20.12
MG MG H . -5.83 1.50 -19.21
MG MG I . -0.34 -21.11 -23.40
MG MG J . 8.09 -26.48 -4.62
MG MG K . 2.41 -28.95 -6.09
MG MG L . -15.58 20.31 18.48
#